data_3WAX
#
_entry.id   3WAX
#
_cell.length_a   61.607
_cell.length_b   94.479
_cell.length_c   75.305
_cell.angle_alpha   90.00
_cell.angle_beta   93.90
_cell.angle_gamma   90.00
#
_symmetry.space_group_name_H-M   'P 1 21 1'
#
loop_
_entity.id
_entity.type
_entity.pdbx_description
1 polymer 'Ectonucleotide pyrophosphatase/phosphodiesterase family member 2'
2 branched 2-acetamido-2-deoxy-beta-D-glucopyranose-(1-4)-2-acetamido-2-deoxy-beta-D-glucopyranose
3 branched alpha-D-mannopyranose-(1-2)-alpha-D-mannopyranose-(1-3)-alpha-D-mannopyranose-(1-6)-[alpha-D-mannopyranose-(1-3)]beta-D-mannopyranose-(1-4)-2-acetamido-2-deoxy-beta-D-glucopyranose-(1-4)-2-acetamido-2-deoxy-beta-D-glucopyranose
4 non-polymer 'ZINC ION'
5 non-polymer 'CALCIUM ION'
6 non-polymer 'SODIUM ION'
7 non-polymer 'POTASSIUM ION'
8 non-polymer 'THIOCYANATE ION'
9 non-polymer 1,2-ETHANEDIOL
10 non-polymer '[3-({4-[(5Z)-5-(3,4-dichlorobenzylidene)-4-oxo-4,5-dihydro-1,3-thiazol-2-yl]piperazin-1-yl}methyl)phenyl]boronic acid'
11 water water
#
_entity_poly.entity_id   1
_entity_poly.type   'polypeptide(L)'
_entity_poly.pdbx_seq_one_letter_code
;AEWDEGPPTVLSDSPWTNTSGSCKGRCFELQEVGPPDCRCDNLCKSYSSCCHDFDELCLKTARGWECTKDRCGEVRNEEN
ACHCSEDCLSRGDCCTNYQVVCKGESHWVDDDCEEIRVPECPAGFVRPPLIIFSVDGFRASYMKKGSKVMPNIEKLRSCG
THAPYMRPVYPTKTFPNLYTLATGLYPESHGIVGNSMYDPVFDATFHLRGREKFNHRWWGGQPLWITATKQGVRAGTFFW
SVSIPHERRILTILQWLSLPDNERPSVYAFYSEQPDFSGHKYGPFGPEMTNPLREIDKTVGQLMDGLKQLKLHRCVNVIF
VGDHGMEDVTCDRTEFLSNYLTNVDDITLVPGTLGRIRPKIPNNLKYDPKAIIANLTCKKPDQHFKPYMKQHLPKRLHYA
NNRRIEDLHLLVERRWHVARKPLDVYKKPSGKCFFQGDHGFDNKVNSMQTVFVGYGPTFKYRTKVPPFENIELYNVMCDL
LGLKPAPNNGTHGSLNHLLRTNTFRPTLPEEVSRPNYPGIMYLQSDFDLGCTCDDKNKLEELNKRLHTKGSTEERHLLYG
RPAVLYRTSYDILYHTDFESGYSEIFLMPLWTSYTISKQAEVSSIPEHLTNCVRPDVRVSPGFSQNCLAYKNDKQMSYGF
LFPPYLSSSPEAKYDAFLVTNMVPMYPAFKRVWTYFQRVLVKKYASERNGVNVISGPIFDYNYNGLRDIEDEIKQYVEGS
SIPVPTHYYSIITSCLDFTQPADKCDGPLSVSSFILPHRPDNDESCNSSEDESKWVEELMKMHTARVRDIEHLTGLDFYR
KTSRSYSEILTLKTYLHTYESEISRENLYFQ
;
_entity_poly.pdbx_strand_id   A
#
loop_
_chem_comp.id
_chem_comp.type
_chem_comp.name
_chem_comp.formula
BMA D-saccharide, beta linking beta-D-mannopyranose 'C6 H12 O6'
CA non-polymer 'CALCIUM ION' 'Ca 2'
DWX non-polymer '[3-({4-[(5Z)-5-(3,4-dichlorobenzylidene)-4-oxo-4,5-dihydro-1,3-thiazol-2-yl]piperazin-1-yl}methyl)phenyl]boronic acid' 'C21 H20 B Cl2 N3 O3 S'
EDO non-polymer 1,2-ETHANEDIOL 'C2 H6 O2'
K non-polymer 'POTASSIUM ION' 'K 1'
MAN D-saccharide, alpha linking alpha-D-mannopyranose 'C6 H12 O6'
NA non-polymer 'SODIUM ION' 'Na 1'
NAG D-saccharide, beta linking 2-acetamido-2-deoxy-beta-D-glucopyranose 'C8 H15 N O6'
SCN non-polymer 'THIOCYANATE ION' 'C N S -1'
ZN non-polymer 'ZINC ION' 'Zn 2'
#
# COMPACT_ATOMS: atom_id res chain seq x y z
N TRP A 16 34.15 16.82 14.48
CA TRP A 16 34.81 17.83 13.66
C TRP A 16 35.48 17.20 12.44
N THR A 17 35.54 17.95 11.35
CA THR A 17 36.14 17.45 10.12
C THR A 17 37.42 18.21 9.72
N ASN A 18 38.55 17.51 9.75
CA ASN A 18 39.81 18.07 9.26
C ASN A 18 39.76 18.15 7.74
N THR A 19 39.45 19.34 7.25
CA THR A 19 39.07 19.53 5.85
C THR A 19 40.25 19.64 4.89
N SER A 20 41.44 19.90 5.43
CA SER A 20 42.64 20.05 4.60
C SER A 20 43.14 18.72 4.03
N GLY A 21 42.43 17.63 4.31
CA GLY A 21 42.70 16.35 3.67
C GLY A 21 42.45 16.43 2.17
N SER A 22 42.76 15.35 1.46
CA SER A 22 42.63 15.38 -0.01
C SER A 22 41.74 14.28 -0.59
N CYS A 23 41.05 14.61 -1.68
CA CYS A 23 40.25 13.64 -2.41
C CYS A 23 40.95 13.09 -3.66
N LYS A 24 42.28 12.96 -3.59
CA LYS A 24 43.01 12.35 -4.70
C LYS A 24 42.86 10.85 -4.61
N GLY A 25 42.46 10.21 -5.71
CA GLY A 25 42.24 8.78 -5.73
C GLY A 25 41.22 8.32 -4.70
N ARG A 26 40.31 9.20 -4.35
CA ARG A 26 39.28 8.90 -3.35
C ARG A 26 37.88 9.32 -3.82
N CYS A 27 37.80 9.90 -5.02
CA CYS A 27 36.54 10.41 -5.54
C CYS A 27 35.43 9.36 -5.52
N PHE A 28 34.34 9.70 -4.83
CA PHE A 28 33.20 8.80 -4.67
C PHE A 28 33.61 7.44 -4.15
N GLU A 29 34.55 7.45 -3.22
CA GLU A 29 34.96 6.26 -2.51
C GLU A 29 33.74 5.63 -1.86
N LEU A 30 33.78 4.32 -1.69
CA LEU A 30 32.72 3.62 -1.00
C LEU A 30 33.19 3.38 0.43
N GLN A 31 34.29 4.04 0.79
CA GLN A 31 34.86 3.97 2.13
C GLN A 31 33.94 4.52 3.19
N GLU A 32 33.65 3.70 4.21
CA GLU A 32 32.96 4.20 5.39
C GLU A 32 33.97 5.01 6.19
N VAL A 33 33.81 6.33 6.16
CA VAL A 33 34.75 7.23 6.81
C VAL A 33 34.02 8.35 7.57
N GLY A 34 34.44 8.56 8.82
CA GLY A 34 33.87 9.60 9.65
C GLY A 34 34.93 10.46 10.30
N PRO A 35 34.53 11.28 11.29
CA PRO A 35 35.41 12.20 12.02
C PRO A 35 36.64 11.51 12.61
N PRO A 36 37.79 12.20 12.61
CA PRO A 36 37.94 13.58 12.15
C PRO A 36 38.29 13.66 10.66
N ASP A 37 38.31 12.51 10.00
CA ASP A 37 38.83 12.40 8.64
C ASP A 37 37.98 13.08 7.56
N CYS A 38 38.65 13.51 6.50
CA CYS A 38 38.06 14.09 5.31
C CYS A 38 37.18 13.06 4.57
N ARG A 39 36.09 13.49 3.96
CA ARG A 39 35.24 12.57 3.21
C ARG A 39 35.17 12.91 1.72
N CYS A 40 34.93 11.89 0.89
CA CYS A 40 34.89 12.09 -0.55
C CYS A 40 33.72 11.36 -1.20
N ASP A 41 32.74 10.97 -0.39
CA ASP A 41 31.60 10.18 -0.84
C ASP A 41 30.45 11.05 -1.32
N ASN A 42 29.41 10.43 -1.86
CA ASN A 42 28.34 11.22 -2.45
C ASN A 42 27.44 11.99 -1.46
N LEU A 43 27.59 11.72 -0.16
CA LEU A 43 26.87 12.48 0.87
C LEU A 43 27.71 13.54 1.60
N CYS A 44 29.00 13.59 1.33
CA CYS A 44 29.90 14.46 2.10
C CYS A 44 29.47 15.94 2.13
N LYS A 45 28.99 16.48 1.02
CA LYS A 45 28.52 17.87 0.99
C LYS A 45 27.36 18.12 1.94
N SER A 46 26.48 17.13 2.07
CA SER A 46 25.31 17.21 2.95
C SER A 46 25.71 17.32 4.42
N TYR A 47 26.97 17.04 4.71
CA TYR A 47 27.50 17.21 6.07
C TYR A 47 28.59 18.28 6.05
N SER A 48 28.77 18.91 4.88
CA SER A 48 29.88 19.83 4.64
C SER A 48 31.24 19.22 5.00
N SER A 49 31.29 17.89 4.99
CA SER A 49 32.46 17.16 5.47
C SER A 49 33.41 16.75 4.34
N CYS A 50 33.30 17.42 3.20
CA CYS A 50 34.16 17.08 2.07
C CYS A 50 35.56 17.63 2.27
N CYS A 51 36.54 16.93 1.74
CA CYS A 51 37.89 17.45 1.64
C CYS A 51 37.85 18.70 0.78
N HIS A 52 38.75 19.63 1.05
CA HIS A 52 38.75 20.93 0.38
C HIS A 52 38.85 20.82 -1.14
N ASP A 53 39.31 19.68 -1.65
CA ASP A 53 39.50 19.50 -3.08
C ASP A 53 38.47 18.57 -3.74
N PHE A 54 37.44 18.20 -3.00
CA PHE A 54 36.37 17.33 -3.52
C PHE A 54 35.78 17.92 -4.79
N ASP A 55 35.45 19.20 -4.73
CA ASP A 55 34.83 19.91 -5.84
C ASP A 55 35.69 19.86 -7.09
N GLU A 56 36.95 20.28 -6.97
CA GLU A 56 37.83 20.34 -8.11
C GLU A 56 38.20 18.96 -8.68
N LEU A 57 38.40 17.99 -7.80
CA LEU A 57 38.81 16.66 -8.25
C LEU A 57 37.64 15.75 -8.64
N CYS A 58 36.53 15.86 -7.91
CA CYS A 58 35.44 14.90 -8.04
C CYS A 58 34.22 15.42 -8.83
N LEU A 59 34.01 16.73 -8.78
CA LEU A 59 32.88 17.32 -9.51
C LEU A 59 33.33 18.06 -10.76
N LYS A 60 34.15 17.40 -11.58
CA LYS A 60 34.63 17.98 -12.82
C LYS A 60 33.47 18.22 -13.79
N THR A 61 33.49 19.38 -14.44
CA THR A 61 32.42 19.77 -15.34
C THR A 61 32.96 20.15 -16.72
N ALA A 62 34.28 20.11 -16.85
CA ALA A 62 34.96 20.59 -18.06
C ALA A 62 34.52 19.92 -19.36
N ARG A 63 33.99 20.74 -20.27
CA ARG A 63 33.60 20.33 -21.61
C ARG A 63 32.32 19.50 -21.62
N GLY A 64 31.55 19.60 -20.55
CA GLY A 64 30.25 18.95 -20.50
C GLY A 64 30.29 17.43 -20.43
N TRP A 65 29.20 16.80 -20.85
CA TRP A 65 28.97 15.39 -20.58
C TRP A 65 28.94 14.53 -21.83
N GLU A 66 29.18 15.13 -22.99
CA GLU A 66 29.11 14.39 -24.24
C GLU A 66 30.38 14.50 -25.05
N CYS A 67 30.82 13.37 -25.62
CA CYS A 67 31.90 13.37 -26.58
C CYS A 67 31.42 14.10 -27.83
N THR A 68 32.30 14.90 -28.42
CA THR A 68 32.08 15.46 -29.75
C THR A 68 33.12 14.87 -30.70
N LYS A 69 32.83 14.85 -32.00
CA LYS A 69 33.71 14.24 -32.99
C LYS A 69 35.15 14.74 -32.89
N ASP A 70 35.31 16.03 -32.60
CA ASP A 70 36.62 16.63 -32.48
C ASP A 70 37.37 16.17 -31.22
N ARG A 71 36.67 15.52 -30.30
CA ARG A 71 37.32 15.04 -29.09
C ARG A 71 37.77 13.59 -29.20
N CYS A 72 37.39 12.94 -30.31
CA CYS A 72 37.69 11.53 -30.48
C CYS A 72 39.19 11.28 -30.63
N GLY A 73 39.72 10.39 -29.82
CA GLY A 73 41.12 10.06 -29.85
C GLY A 73 42.01 11.10 -29.16
N GLU A 74 41.38 12.06 -28.50
CA GLU A 74 42.08 13.12 -27.78
C GLU A 74 43.11 12.58 -26.81
N VAL A 75 44.09 13.41 -26.45
CA VAL A 75 44.99 13.07 -25.37
C VAL A 75 44.25 13.33 -24.06
N ARG A 76 44.30 12.35 -23.18
CA ARG A 76 43.56 12.36 -21.93
C ARG A 76 43.89 13.53 -21.02
N ASN A 77 42.98 14.50 -20.95
CA ASN A 77 43.09 15.60 -19.99
C ASN A 77 42.23 15.32 -18.75
N GLU A 78 42.89 15.14 -17.61
CA GLU A 78 42.19 14.82 -16.36
C GLU A 78 41.31 15.96 -15.84
N GLU A 79 41.34 17.10 -16.51
CA GLU A 79 40.51 18.23 -16.12
C GLU A 79 39.05 18.03 -16.56
N ASN A 80 38.86 17.20 -17.59
CA ASN A 80 37.56 16.99 -18.21
C ASN A 80 36.59 16.17 -17.37
N ALA A 81 35.30 16.50 -17.47
CA ALA A 81 34.24 15.79 -16.77
C ALA A 81 34.19 14.32 -17.15
N CYS A 82 34.28 14.05 -18.45
CA CYS A 82 34.35 12.68 -18.94
C CYS A 82 35.25 12.65 -20.18
N HIS A 83 35.63 11.46 -20.63
CA HIS A 83 36.71 11.35 -21.61
C HIS A 83 36.31 10.69 -22.92
N CYS A 84 37.02 11.04 -23.99
CA CYS A 84 36.81 10.44 -25.28
C CYS A 84 38.16 9.97 -25.80
N SER A 85 39.07 9.73 -24.87
CA SER A 85 40.40 9.27 -25.19
C SER A 85 40.37 7.78 -25.49
N GLU A 86 41.39 7.31 -26.23
CA GLU A 86 41.45 5.91 -26.61
C GLU A 86 41.45 4.95 -25.41
N ASP A 87 41.91 5.44 -24.26
CA ASP A 87 42.04 4.57 -23.09
C ASP A 87 40.82 4.55 -22.17
N CYS A 88 39.85 5.42 -22.42
CA CYS A 88 38.76 5.66 -21.47
C CYS A 88 37.93 4.43 -21.13
N LEU A 89 37.79 3.52 -22.10
CA LEU A 89 36.93 2.35 -21.94
C LEU A 89 37.37 1.42 -20.81
N SER A 90 38.67 1.15 -20.70
CA SER A 90 39.19 0.28 -19.66
C SER A 90 39.18 0.98 -18.31
N ARG A 91 39.43 2.29 -18.34
CA ARG A 91 39.41 3.11 -17.13
C ARG A 91 37.99 3.44 -16.69
N GLY A 92 37.02 3.16 -17.56
CA GLY A 92 35.61 3.26 -17.22
C GLY A 92 35.05 4.67 -17.05
N ASP A 93 35.67 5.65 -17.69
CA ASP A 93 35.21 7.03 -17.57
C ASP A 93 35.04 7.74 -18.91
N CYS A 94 34.65 6.99 -19.93
CA CYS A 94 34.20 7.62 -21.16
C CYS A 94 32.91 8.38 -20.86
N CYS A 95 32.67 9.47 -21.59
CA CYS A 95 31.33 10.01 -21.68
C CYS A 95 30.46 8.89 -22.23
N THR A 96 29.18 8.86 -21.87
CA THR A 96 28.33 7.71 -22.21
C THR A 96 28.10 7.53 -23.71
N ASN A 97 28.34 8.58 -24.48
CA ASN A 97 28.10 8.50 -25.92
C ASN A 97 29.40 8.29 -26.71
N TYR A 98 30.49 8.01 -26.01
CA TYR A 98 31.81 7.88 -26.63
C TYR A 98 31.82 7.01 -27.87
N GLN A 99 31.36 5.78 -27.74
CA GLN A 99 31.37 4.84 -28.85
C GLN A 99 30.46 5.23 -29.99
N VAL A 100 29.37 5.93 -29.68
CA VAL A 100 28.44 6.33 -30.71
C VAL A 100 29.09 7.38 -31.60
N VAL A 101 29.80 8.30 -30.96
CA VAL A 101 30.40 9.43 -31.66
C VAL A 101 31.72 9.04 -32.33
N CYS A 102 32.49 8.17 -31.67
CA CYS A 102 33.85 7.87 -32.11
C CYS A 102 34.06 6.47 -32.69
N LYS A 103 33.09 5.57 -32.48
CA LYS A 103 33.29 4.18 -32.87
C LYS A 103 32.12 3.64 -33.69
N GLY A 104 31.33 4.55 -34.24
CA GLY A 104 30.21 4.19 -35.08
C GLY A 104 29.19 3.24 -34.47
N GLU A 105 29.03 3.30 -33.15
CA GLU A 105 27.99 2.48 -32.51
C GLU A 105 26.65 3.21 -32.44
N SER A 106 25.58 2.46 -32.28
CA SER A 106 24.25 3.03 -32.16
C SER A 106 23.90 3.26 -30.70
N HIS A 107 23.05 4.25 -30.43
CA HIS A 107 22.48 4.42 -29.09
C HIS A 107 21.62 3.20 -28.79
N TRP A 108 21.64 2.78 -27.53
CA TRP A 108 20.82 1.66 -27.05
C TRP A 108 19.36 1.80 -27.51
N VAL A 109 18.84 3.02 -27.48
CA VAL A 109 17.44 3.25 -27.81
C VAL A 109 17.12 2.91 -29.27
N ASP A 110 18.13 2.98 -30.14
CA ASP A 110 17.91 2.75 -31.57
C ASP A 110 18.03 1.28 -31.96
N ASP A 111 18.36 0.43 -31.00
CA ASP A 111 18.45 -1.01 -31.23
C ASP A 111 17.14 -1.72 -30.96
N ASP A 112 16.86 -2.74 -31.74
CA ASP A 112 15.67 -3.54 -31.52
C ASP A 112 15.75 -4.24 -30.18
N CYS A 113 14.61 -4.39 -29.52
CA CYS A 113 14.55 -5.16 -28.29
C CYS A 113 14.76 -6.63 -28.60
N GLU A 114 15.58 -7.27 -27.79
CA GLU A 114 15.80 -8.70 -27.90
C GLU A 114 15.62 -9.25 -26.50
N GLU A 115 14.87 -10.33 -26.37
CA GLU A 115 14.63 -10.97 -25.07
C GLU A 115 15.95 -11.39 -24.40
N ILE A 116 16.06 -11.06 -23.12
CA ILE A 116 17.22 -11.48 -22.33
C ILE A 116 16.82 -12.69 -21.50
N ARG A 117 17.13 -13.88 -22.01
CA ARG A 117 16.67 -15.12 -21.39
C ARG A 117 17.50 -15.52 -20.16
N VAL A 118 18.78 -15.21 -20.21
CA VAL A 118 19.67 -15.42 -19.07
C VAL A 118 20.55 -14.17 -19.01
N PRO A 119 21.18 -13.92 -17.86
CA PRO A 119 22.08 -12.77 -17.80
C PRO A 119 23.29 -12.94 -18.71
N GLU A 120 23.63 -11.90 -19.44
CA GLU A 120 24.83 -11.87 -20.26
C GLU A 120 25.82 -10.92 -19.63
N CYS A 121 26.56 -11.42 -18.65
CA CYS A 121 27.47 -10.60 -17.86
C CYS A 121 28.93 -10.94 -18.18
N PRO A 122 29.83 -9.97 -17.99
CA PRO A 122 31.26 -10.24 -18.14
C PRO A 122 31.73 -11.26 -17.13
N ALA A 123 32.88 -11.87 -17.38
CA ALA A 123 33.46 -12.77 -16.40
C ALA A 123 33.77 -11.95 -15.16
N GLY A 124 33.50 -12.51 -13.99
CA GLY A 124 33.72 -11.79 -12.74
C GLY A 124 32.41 -11.36 -12.12
N PHE A 125 31.40 -11.16 -12.96
CA PHE A 125 30.06 -10.90 -12.43
C PHE A 125 29.45 -12.23 -12.03
N VAL A 126 28.96 -12.29 -10.80
CA VAL A 126 28.46 -13.53 -10.23
C VAL A 126 26.93 -13.53 -10.24
N ARG A 127 26.37 -12.34 -10.24
CA ARG A 127 24.93 -12.15 -10.26
C ARG A 127 24.66 -10.86 -11.03
N PRO A 128 23.45 -10.71 -11.58
CA PRO A 128 23.09 -9.46 -12.24
C PRO A 128 23.05 -8.31 -11.23
N PRO A 129 23.76 -7.21 -11.49
CA PRO A 129 23.58 -6.05 -10.62
C PRO A 129 22.14 -5.52 -10.71
N LEU A 130 21.74 -4.74 -9.69
CA LEU A 130 20.44 -4.09 -9.70
C LEU A 130 20.60 -2.59 -9.63
N ILE A 131 20.00 -1.87 -10.57
CA ILE A 131 20.02 -0.42 -10.52
C ILE A 131 18.58 0.10 -10.39
N ILE A 132 18.34 0.90 -9.36
CA ILE A 132 17.02 1.48 -9.14
C ILE A 132 17.10 2.92 -9.60
N PHE A 133 16.29 3.26 -10.59
CA PHE A 133 16.29 4.61 -11.15
C PHE A 133 15.01 5.22 -10.64
N SER A 134 15.11 6.04 -9.59
CA SER A 134 13.95 6.64 -8.96
C SER A 134 13.68 8.07 -9.45
N VAL A 135 12.42 8.35 -9.72
CA VAL A 135 12.04 9.67 -10.21
C VAL A 135 10.93 10.29 -9.36
N ASP A 136 11.18 11.48 -8.86
CA ASP A 136 10.27 12.14 -7.96
C ASP A 136 9.05 12.72 -8.69
N GLY A 137 7.86 12.38 -8.19
CA GLY A 137 6.63 12.96 -8.71
C GLY A 137 6.25 12.54 -10.13
N PHE A 138 6.69 11.36 -10.54
CA PHE A 138 6.37 10.85 -11.85
C PHE A 138 4.99 10.20 -11.84
N ARG A 139 3.98 10.98 -12.18
CA ARG A 139 2.60 10.50 -12.26
C ARG A 139 2.49 9.40 -13.29
N ALA A 140 1.77 8.33 -12.96
CA ALA A 140 1.68 7.18 -13.87
C ALA A 140 1.23 7.55 -15.28
N SER A 141 0.29 8.48 -15.39
CA SER A 141 -0.26 8.84 -16.70
C SER A 141 0.73 9.58 -17.62
N TYR A 142 1.86 10.02 -17.06
CA TYR A 142 2.91 10.60 -17.90
C TYR A 142 3.45 9.61 -18.93
N MET A 143 3.37 8.31 -18.61
CA MET A 143 3.83 7.28 -19.54
C MET A 143 3.10 7.35 -20.86
N LYS A 144 1.85 7.79 -20.84
CA LYS A 144 1.04 7.88 -22.06
C LYS A 144 1.67 8.79 -23.11
N LYS A 145 2.63 9.62 -22.71
CA LYS A 145 3.29 10.52 -23.64
C LYS A 145 4.16 9.74 -24.64
N GLY A 146 4.62 8.56 -24.23
CA GLY A 146 5.25 7.63 -25.13
C GLY A 146 6.61 8.05 -25.64
N SER A 147 7.06 7.36 -26.69
CA SER A 147 8.41 7.55 -27.22
C SER A 147 8.59 8.88 -27.91
N LYS A 148 7.49 9.53 -28.27
CA LYS A 148 7.57 10.87 -28.81
C LYS A 148 8.31 11.78 -27.85
N VAL A 149 8.06 11.59 -26.55
CA VAL A 149 8.68 12.43 -25.55
C VAL A 149 9.81 11.70 -24.81
N MET A 150 9.59 10.41 -24.51
CA MET A 150 10.53 9.63 -23.71
C MET A 150 10.89 8.30 -24.38
N PRO A 151 11.65 8.36 -25.48
CA PRO A 151 11.91 7.13 -26.25
C PRO A 151 12.70 6.07 -25.45
N ASN A 152 13.64 6.49 -24.63
CA ASN A 152 14.40 5.51 -23.85
C ASN A 152 13.52 4.84 -22.81
N ILE A 153 12.74 5.65 -22.10
CA ILE A 153 11.82 5.11 -21.10
C ILE A 153 10.76 4.23 -21.74
N GLU A 154 10.28 4.63 -22.92
CA GLU A 154 9.28 3.85 -23.63
C GLU A 154 9.83 2.49 -24.08
N LYS A 155 11.11 2.44 -24.39
CA LYS A 155 11.73 1.15 -24.71
C LYS A 155 11.83 0.24 -23.47
N LEU A 156 12.25 0.81 -22.34
CA LEU A 156 12.26 0.06 -21.09
C LEU A 156 10.88 -0.51 -20.81
N ARG A 157 9.86 0.35 -20.96
CA ARG A 157 8.50 -0.01 -20.63
C ARG A 157 7.92 -1.10 -21.54
N SER A 158 8.08 -0.97 -22.86
CA SER A 158 7.49 -1.95 -23.76
C SER A 158 8.26 -3.26 -23.89
N CYS A 159 9.59 -3.20 -23.74
CA CYS A 159 10.38 -4.42 -23.85
C CYS A 159 10.49 -5.18 -22.54
N GLY A 160 10.40 -4.44 -21.44
CA GLY A 160 10.53 -5.05 -20.13
C GLY A 160 9.19 -5.47 -19.57
N THR A 161 9.09 -5.39 -18.25
CA THR A 161 7.86 -5.72 -17.55
C THR A 161 7.32 -4.41 -16.99
N HIS A 162 6.04 -4.13 -17.21
CA HIS A 162 5.46 -2.90 -16.66
C HIS A 162 4.07 -3.08 -16.08
N ALA A 163 3.77 -2.26 -15.08
CA ALA A 163 2.44 -2.13 -14.49
C ALA A 163 1.83 -0.84 -15.07
N PRO A 164 0.50 -0.77 -15.19
CA PRO A 164 -0.04 0.49 -15.69
C PRO A 164 0.15 1.61 -14.66
N TYR A 165 0.30 1.23 -13.40
CA TYR A 165 0.67 2.14 -12.32
C TYR A 165 1.06 1.37 -11.07
N MET A 166 1.78 2.05 -10.17
CA MET A 166 2.10 1.53 -8.85
C MET A 166 1.46 2.45 -7.82
N ARG A 167 0.82 1.87 -6.81
CA ARG A 167 0.14 2.63 -5.75
C ARG A 167 1.14 3.01 -4.67
N PRO A 168 1.22 4.31 -4.35
CA PRO A 168 2.12 4.75 -3.28
C PRO A 168 1.46 4.53 -1.91
N VAL A 169 2.16 4.80 -0.82
CA VAL A 169 1.51 4.82 0.48
C VAL A 169 1.02 6.22 0.85
N TYR A 170 0.05 6.26 1.74
CA TYR A 170 -0.40 7.52 2.29
C TYR A 170 0.45 7.92 3.51
N PRO A 171 0.82 9.22 3.61
CA PRO A 171 0.54 10.33 2.69
C PRO A 171 1.38 10.24 1.43
N THR A 172 0.83 10.66 0.30
CA THR A 172 1.52 10.51 -0.98
C THR A 172 2.58 11.61 -1.22
N LYS A 173 3.53 11.68 -0.29
CA LYS A 173 4.66 12.58 -0.39
C LYS A 173 5.97 11.80 -0.33
N THR A 174 7.08 12.51 -0.51
CA THR A 174 8.37 11.86 -0.82
C THR A 174 8.98 11.00 0.26
N PHE A 175 9.20 11.59 1.44
CA PHE A 175 9.88 10.84 2.48
C PHE A 175 9.15 9.57 2.95
N PRO A 176 7.83 9.65 3.18
CA PRO A 176 7.19 8.39 3.52
C PRO A 176 7.27 7.36 2.39
N ASN A 177 7.20 7.81 1.15
CA ASN A 177 7.20 6.87 0.04
C ASN A 177 8.56 6.31 -0.29
N LEU A 178 9.59 7.15 -0.27
CA LEU A 178 10.92 6.62 -0.53
C LEU A 178 11.35 5.59 0.52
N TYR A 179 11.04 5.87 1.78
CA TYR A 179 11.48 4.97 2.82
C TYR A 179 10.63 3.70 2.81
N THR A 180 9.40 3.81 2.31
CA THR A 180 8.58 2.63 2.12
C THR A 180 9.16 1.75 1.02
N LEU A 181 9.53 2.36 -0.09
CA LEU A 181 10.21 1.61 -1.16
C LEU A 181 11.44 0.86 -0.62
N ALA A 182 12.17 1.52 0.28
CA ALA A 182 13.42 0.96 0.79
C ALA A 182 13.25 -0.13 1.86
N THR A 183 12.07 -0.19 2.50
CA THR A 183 11.87 -1.08 3.64
C THR A 183 10.76 -2.10 3.50
N GLY A 184 9.81 -1.86 2.60
CA GLY A 184 8.63 -2.71 2.49
C GLY A 184 7.61 -2.46 3.59
N LEU A 185 7.76 -1.34 4.29
CA LEU A 185 6.93 -1.07 5.46
C LEU A 185 5.99 0.13 5.27
N TYR A 186 4.80 0.05 5.86
CA TYR A 186 3.94 1.23 5.98
C TYR A 186 4.65 2.29 6.82
N PRO A 187 4.39 3.58 6.52
CA PRO A 187 4.96 4.66 7.32
C PRO A 187 4.69 4.52 8.81
N GLU A 188 3.52 4.03 9.21
CA GLU A 188 3.23 3.94 10.64
C GLU A 188 4.24 2.99 11.30
N SER A 189 4.82 2.09 10.49
CA SER A 189 5.80 1.13 10.98
C SER A 189 7.24 1.60 10.85
N HIS A 190 7.63 2.15 9.71
CA HIS A 190 9.00 2.65 9.58
C HIS A 190 9.29 3.98 10.27
N GLY A 191 8.23 4.71 10.63
CA GLY A 191 8.37 5.92 11.42
C GLY A 191 8.39 7.24 10.65
N ILE A 192 8.58 7.17 9.33
CA ILE A 192 8.55 8.37 8.52
C ILE A 192 7.11 8.61 8.07
N VAL A 193 6.29 9.12 8.98
CA VAL A 193 4.86 9.21 8.74
C VAL A 193 4.54 10.51 7.99
N GLY A 194 5.57 11.32 7.86
CA GLY A 194 5.50 12.51 7.03
C GLY A 194 6.81 13.19 6.63
N ASN A 195 6.77 14.06 5.61
CA ASN A 195 7.86 14.98 5.28
C ASN A 195 8.15 15.90 6.48
N SER A 196 7.10 16.26 7.20
CA SER A 196 7.25 16.99 8.45
C SER A 196 6.61 16.17 9.54
N MET A 197 7.23 16.10 10.72
CA MET A 197 6.67 15.35 11.85
C MET A 197 7.05 15.98 13.19
N TYR A 198 6.21 15.76 14.19
CA TYR A 198 6.59 16.06 15.58
C TYR A 198 6.52 14.78 16.40
N ASP A 199 7.60 14.46 17.09
CA ASP A 199 7.60 13.31 17.99
C ASP A 199 7.48 13.78 19.45
N PRO A 200 6.35 13.48 20.09
CA PRO A 200 6.07 14.02 21.43
C PRO A 200 6.94 13.41 22.52
N VAL A 201 7.56 12.26 22.25
CA VAL A 201 8.48 11.64 23.18
C VAL A 201 9.88 12.27 23.07
N PHE A 202 10.33 12.49 21.83
CA PHE A 202 11.58 13.23 21.61
C PHE A 202 11.35 14.70 21.93
N ASP A 203 10.08 15.11 21.92
CA ASP A 203 9.72 16.53 21.87
C ASP A 203 10.59 17.23 20.83
N ALA A 204 10.57 16.68 19.61
CA ALA A 204 11.42 17.20 18.55
C ALA A 204 10.67 17.20 17.23
N THR A 205 11.02 18.16 16.39
CA THR A 205 10.45 18.28 15.05
C THR A 205 11.41 17.82 13.95
N PHE A 206 10.89 16.94 13.08
CA PHE A 206 11.57 16.48 11.89
C PHE A 206 11.22 17.42 10.75
N HIS A 207 12.24 18.00 10.13
CA HIS A 207 12.05 18.76 8.90
C HIS A 207 12.87 18.16 7.75
N LEU A 208 12.26 18.11 6.56
CA LEU A 208 12.87 17.50 5.38
C LEU A 208 14.27 18.03 5.10
N ARG A 209 14.42 19.35 5.17
CA ARG A 209 15.73 19.97 5.12
C ARG A 209 16.03 20.56 6.50
N GLY A 210 17.16 20.14 7.08
CA GLY A 210 17.53 20.54 8.42
C GLY A 210 18.36 19.49 9.12
N ARG A 211 18.84 19.82 10.32
CA ARG A 211 19.77 18.97 11.05
C ARG A 211 19.18 17.66 11.55
N GLU A 212 17.96 17.71 12.10
CA GLU A 212 17.38 16.55 12.77
C GLU A 212 17.27 15.28 11.93
N LYS A 213 16.88 15.44 10.66
CA LYS A 213 16.62 14.28 9.80
C LYS A 213 17.81 13.31 9.66
N PHE A 214 19.01 13.79 9.99
CA PHE A 214 20.22 12.97 9.92
C PHE A 214 20.39 12.10 11.16
N ASN A 215 19.64 12.40 12.21
CA ASN A 215 19.61 11.56 13.39
C ASN A 215 18.95 10.22 13.07
N HIS A 216 19.66 9.13 13.34
CA HIS A 216 19.13 7.80 13.02
C HIS A 216 17.86 7.44 13.80
N ARG A 217 17.60 8.16 14.90
CA ARG A 217 16.48 7.81 15.79
C ARG A 217 15.11 7.91 15.12
N TRP A 218 15.01 8.65 14.02
CA TRP A 218 13.73 8.78 13.33
C TRP A 218 13.42 7.54 12.47
N TRP A 219 14.45 6.91 11.94
CA TRP A 219 14.29 5.92 10.88
C TRP A 219 14.22 4.50 11.43
N GLY A 220 13.09 3.82 11.22
CA GLY A 220 12.91 2.45 11.68
C GLY A 220 12.97 1.41 10.57
N GLY A 221 12.69 0.15 10.91
CA GLY A 221 12.80 -0.94 9.95
C GLY A 221 14.22 -1.14 9.46
N GLN A 222 14.37 -1.84 8.35
CA GLN A 222 15.70 -2.11 7.79
C GLN A 222 15.69 -1.88 6.27
N PRO A 223 16.30 -0.77 5.81
CA PRO A 223 16.28 -0.45 4.38
C PRO A 223 17.14 -1.41 3.57
N LEU A 224 16.84 -1.49 2.28
CA LEU A 224 17.46 -2.46 1.39
C LEU A 224 18.99 -2.43 1.47
N TRP A 225 19.59 -1.25 1.57
CA TRP A 225 21.06 -1.16 1.57
C TRP A 225 21.69 -1.79 2.82
N ILE A 226 20.96 -1.72 3.93
CA ILE A 226 21.35 -2.40 5.17
C ILE A 226 21.12 -3.91 5.09
N THR A 227 19.98 -4.31 4.56
CA THR A 227 19.65 -5.72 4.39
C THR A 227 20.75 -6.39 3.53
N ALA A 228 21.12 -5.70 2.46
CA ALA A 228 22.18 -6.18 1.56
C ALA A 228 23.51 -6.28 2.31
N THR A 229 23.94 -5.18 2.93
CA THR A 229 25.24 -5.15 3.59
C THR A 229 25.34 -6.26 4.64
N LYS A 230 24.28 -6.42 5.43
CA LYS A 230 24.28 -7.38 6.51
C LYS A 230 24.35 -8.83 5.99
N GLN A 231 23.94 -9.04 4.75
CA GLN A 231 24.02 -10.35 4.14
C GLN A 231 25.20 -10.48 3.16
N GLY A 232 26.17 -9.57 3.27
CA GLY A 232 27.40 -9.64 2.50
C GLY A 232 27.29 -9.19 1.06
N VAL A 233 26.25 -8.42 0.75
CA VAL A 233 26.08 -7.85 -0.60
C VAL A 233 26.36 -6.35 -0.56
N ARG A 234 27.28 -5.92 -1.41
CA ARG A 234 27.73 -4.53 -1.37
C ARG A 234 26.76 -3.59 -2.10
N ALA A 235 26.43 -2.49 -1.44
CA ALA A 235 25.55 -1.49 -2.03
C ALA A 235 26.34 -0.24 -2.41
N GLY A 236 25.99 0.36 -3.55
CA GLY A 236 26.44 1.71 -3.83
C GLY A 236 25.55 2.64 -3.03
N THR A 237 26.05 3.83 -2.71
CA THR A 237 25.29 4.76 -1.89
C THR A 237 24.03 5.25 -2.64
N PHE A 238 22.87 5.12 -1.98
CA PHE A 238 21.58 5.38 -2.61
C PHE A 238 21.33 6.88 -2.76
N PHE A 239 21.81 7.64 -1.79
CA PHE A 239 21.55 9.07 -1.72
C PHE A 239 22.64 9.87 -2.39
N TRP A 240 22.27 11.02 -2.94
CA TRP A 240 23.24 11.91 -3.56
C TRP A 240 22.99 13.32 -3.08
N SER A 241 24.04 13.96 -2.56
CA SER A 241 23.96 15.37 -2.19
C SER A 241 23.36 16.13 -3.36
N VAL A 242 22.46 17.06 -3.05
CA VAL A 242 21.64 17.67 -4.09
C VAL A 242 22.44 18.44 -5.13
N SER A 243 23.66 18.83 -4.79
CA SER A 243 24.45 19.66 -5.69
C SER A 243 25.12 18.82 -6.81
N ILE A 244 25.26 17.52 -6.57
CA ILE A 244 25.81 16.64 -7.61
C ILE A 244 24.85 16.51 -8.77
N PRO A 245 25.28 16.92 -9.97
CA PRO A 245 24.41 16.86 -11.14
C PRO A 245 24.09 15.42 -11.58
N HIS A 246 22.95 15.24 -12.24
CA HIS A 246 22.48 13.93 -12.64
C HIS A 246 23.49 13.21 -13.52
N GLU A 247 24.13 13.97 -14.41
CA GLU A 247 25.11 13.40 -15.32
C GLU A 247 26.28 12.76 -14.56
N ARG A 248 26.68 13.41 -13.46
CA ARG A 248 27.75 12.91 -12.61
C ARG A 248 27.30 11.70 -11.80
N ARG A 249 26.01 11.66 -11.46
CA ARG A 249 25.49 10.52 -10.72
C ARG A 249 25.58 9.30 -11.61
N ILE A 250 25.21 9.48 -12.87
CA ILE A 250 25.26 8.39 -13.84
C ILE A 250 26.70 7.93 -14.08
N LEU A 251 27.59 8.86 -14.36
CA LEU A 251 29.01 8.51 -14.55
C LEU A 251 29.59 7.77 -13.34
N THR A 252 29.17 8.17 -12.15
CA THR A 252 29.65 7.52 -10.94
C THR A 252 29.19 6.07 -10.85
N ILE A 253 27.91 5.82 -11.15
CA ILE A 253 27.36 4.46 -11.12
C ILE A 253 28.14 3.58 -12.09
N LEU A 254 28.34 4.09 -13.31
CA LEU A 254 29.06 3.39 -14.36
C LEU A 254 30.48 3.06 -13.96
N GLN A 255 31.16 4.03 -13.37
CA GLN A 255 32.51 3.87 -12.86
C GLN A 255 32.58 2.79 -11.78
N TRP A 256 31.65 2.83 -10.83
CA TRP A 256 31.55 1.80 -9.81
C TRP A 256 31.36 0.44 -10.46
N LEU A 257 30.63 0.40 -11.57
CA LEU A 257 30.42 -0.88 -12.26
C LEU A 257 31.69 -1.41 -12.92
N SER A 258 32.68 -0.55 -13.12
CA SER A 258 33.96 -0.95 -13.72
C SER A 258 35.02 -1.27 -12.66
N LEU A 259 34.63 -1.21 -11.39
CA LEU A 259 35.56 -1.53 -10.31
C LEU A 259 36.04 -2.99 -10.36
N PRO A 260 37.17 -3.28 -9.68
CA PRO A 260 37.64 -4.66 -9.51
C PRO A 260 36.53 -5.54 -8.95
N ASP A 261 36.57 -6.82 -9.27
CA ASP A 261 35.63 -7.82 -8.76
C ASP A 261 35.46 -7.77 -7.24
N ASN A 262 36.53 -7.53 -6.50
CA ASN A 262 36.45 -7.50 -5.05
C ASN A 262 35.96 -6.17 -4.45
N GLU A 263 35.67 -5.18 -5.29
CA GLU A 263 35.15 -3.89 -4.84
C GLU A 263 33.77 -3.52 -5.40
N ARG A 264 33.40 -4.11 -6.54
CA ARG A 264 32.22 -3.68 -7.29
C ARG A 264 30.90 -3.95 -6.53
N PRO A 265 30.06 -2.91 -6.36
CA PRO A 265 28.78 -3.14 -5.68
C PRO A 265 27.80 -3.93 -6.54
N SER A 266 26.81 -4.50 -5.87
CA SER A 266 25.79 -5.26 -6.55
C SER A 266 24.50 -4.47 -6.75
N VAL A 267 24.26 -3.48 -5.88
CA VAL A 267 23.03 -2.69 -5.97
C VAL A 267 23.34 -1.19 -5.96
N TYR A 268 22.59 -0.47 -6.79
CA TYR A 268 22.84 0.95 -7.08
C TYR A 268 21.52 1.67 -7.10
N ALA A 269 21.55 2.97 -6.80
CA ALA A 269 20.36 3.79 -6.93
C ALA A 269 20.71 5.15 -7.52
N PHE A 270 19.88 5.58 -8.48
CA PHE A 270 19.92 6.93 -8.99
C PHE A 270 18.63 7.59 -8.49
N TYR A 271 18.67 8.91 -8.33
CA TYR A 271 17.47 9.65 -7.99
C TYR A 271 17.43 11.00 -8.72
N SER A 272 16.23 11.38 -9.15
CA SER A 272 16.01 12.70 -9.72
C SER A 272 14.81 13.37 -9.07
N GLU A 273 14.96 14.66 -8.77
CA GLU A 273 13.93 15.49 -8.17
C GLU A 273 12.86 15.88 -9.19
N GLN A 274 13.13 15.59 -10.46
CA GLN A 274 12.17 15.81 -11.52
C GLN A 274 11.49 14.48 -11.84
N PRO A 275 10.23 14.51 -12.31
CA PRO A 275 9.51 15.74 -12.68
C PRO A 275 8.69 16.42 -11.57
N ASP A 276 8.90 16.07 -10.32
CA ASP A 276 8.19 16.69 -9.21
C ASP A 276 8.25 18.21 -9.20
N PHE A 277 9.45 18.74 -9.34
CA PHE A 277 9.65 20.18 -9.29
C PHE A 277 8.83 20.95 -10.34
N SER A 278 8.95 20.57 -11.60
CA SER A 278 8.20 21.22 -12.65
C SER A 278 6.69 20.96 -12.51
N GLY A 279 6.33 19.77 -12.05
CA GLY A 279 4.93 19.45 -11.79
C GLY A 279 4.31 20.44 -10.80
N HIS A 280 5.02 20.75 -9.71
CA HIS A 280 4.53 21.72 -8.73
C HIS A 280 4.35 23.12 -9.35
N LYS A 281 5.32 23.54 -10.15
CA LYS A 281 5.26 24.87 -10.75
C LYS A 281 4.18 24.97 -11.82
N TYR A 282 4.06 23.96 -12.67
CA TYR A 282 3.23 24.07 -13.88
C TYR A 282 2.01 23.16 -13.92
N GLY A 283 1.88 22.27 -12.95
CA GLY A 283 0.75 21.35 -12.92
C GLY A 283 1.00 20.16 -13.83
N PRO A 284 0.31 19.04 -13.57
CA PRO A 284 0.59 17.78 -14.27
C PRO A 284 0.29 17.84 -15.77
N PHE A 285 -0.66 18.66 -16.18
CA PHE A 285 -1.07 18.72 -17.58
C PHE A 285 -0.55 19.96 -18.28
N GLY A 286 0.36 20.67 -17.62
CA GLY A 286 0.96 21.86 -18.19
C GLY A 286 1.84 21.52 -19.39
N PRO A 287 1.84 22.41 -20.40
CA PRO A 287 2.68 22.19 -21.59
C PRO A 287 4.15 22.22 -21.21
N GLU A 288 4.48 22.90 -20.12
CA GLU A 288 5.85 22.98 -19.65
C GLU A 288 6.42 21.63 -19.15
N MET A 289 5.57 20.64 -18.98
CA MET A 289 6.00 19.33 -18.43
C MET A 289 6.79 18.50 -19.42
N THR A 290 6.65 18.81 -20.71
CA THR A 290 7.37 18.10 -21.75
C THR A 290 8.89 18.20 -21.58
N ASN A 291 9.40 19.39 -21.33
CA ASN A 291 10.85 19.54 -21.21
C ASN A 291 11.51 18.70 -20.09
N PRO A 292 11.02 18.79 -18.84
CA PRO A 292 11.65 17.95 -17.81
C PRO A 292 11.55 16.45 -18.11
N LEU A 293 10.47 16.03 -18.74
CA LEU A 293 10.33 14.62 -19.11
C LEU A 293 11.33 14.18 -20.17
N ARG A 294 11.59 15.04 -21.16
CA ARG A 294 12.66 14.77 -22.12
C ARG A 294 14.00 14.70 -21.40
N GLU A 295 14.20 15.59 -20.45
CA GLU A 295 15.48 15.62 -19.73
C GLU A 295 15.74 14.34 -18.95
N ILE A 296 14.68 13.79 -18.36
CA ILE A 296 14.80 12.56 -17.58
C ILE A 296 15.12 11.40 -18.51
N ASP A 297 14.43 11.38 -19.64
CA ASP A 297 14.65 10.34 -20.63
C ASP A 297 16.08 10.35 -21.10
N LYS A 298 16.62 11.55 -21.27
CA LYS A 298 18.01 11.68 -21.69
C LYS A 298 18.97 11.06 -20.67
N THR A 299 18.68 11.26 -19.39
CA THR A 299 19.46 10.63 -18.33
C THR A 299 19.37 9.10 -18.41
N VAL A 300 18.19 8.59 -18.68
CA VAL A 300 18.01 7.14 -18.85
C VAL A 300 18.85 6.64 -20.03
N GLY A 301 18.87 7.43 -21.10
CA GLY A 301 19.60 7.10 -22.30
C GLY A 301 21.10 7.07 -22.07
N GLN A 302 21.54 8.00 -21.24
CA GLN A 302 22.94 8.04 -20.86
C GLN A 302 23.30 6.78 -20.09
N LEU A 303 22.43 6.38 -19.16
CA LEU A 303 22.70 5.17 -18.39
C LEU A 303 22.75 3.95 -19.31
N MET A 304 21.76 3.83 -20.18
CA MET A 304 21.66 2.66 -21.06
C MET A 304 22.79 2.62 -22.09
N ASP A 305 23.16 3.78 -22.61
CA ASP A 305 24.29 3.88 -23.53
C ASP A 305 25.58 3.48 -22.81
N GLY A 306 25.75 4.00 -21.60
CA GLY A 306 26.88 3.63 -20.76
C GLY A 306 26.94 2.16 -20.42
N LEU A 307 25.81 1.56 -20.06
CA LEU A 307 25.79 0.12 -19.79
C LEU A 307 26.14 -0.65 -21.05
N LYS A 308 25.67 -0.16 -22.19
CA LYS A 308 25.96 -0.83 -23.45
C LYS A 308 27.46 -0.78 -23.78
N GLN A 309 28.09 0.39 -23.64
CA GLN A 309 29.54 0.53 -23.78
C GLN A 309 30.26 -0.48 -22.92
N LEU A 310 29.79 -0.65 -21.69
CA LEU A 310 30.40 -1.58 -20.75
C LEU A 310 30.02 -3.04 -20.98
N LYS A 311 29.22 -3.31 -22.01
CA LYS A 311 28.71 -4.66 -22.27
C LYS A 311 27.83 -5.20 -21.14
N LEU A 312 27.05 -4.31 -20.53
CA LEU A 312 26.25 -4.69 -19.36
C LEU A 312 24.76 -4.50 -19.58
N HIS A 313 24.38 -4.07 -20.78
CA HIS A 313 22.99 -3.76 -21.05
C HIS A 313 22.07 -4.99 -21.13
N ARG A 314 22.66 -6.18 -21.11
CA ARG A 314 21.89 -7.43 -21.08
C ARG A 314 22.30 -8.25 -19.85
N CYS A 315 22.77 -7.52 -18.84
CA CYS A 315 23.32 -8.11 -17.63
C CYS A 315 22.64 -7.52 -16.39
N VAL A 316 22.42 -6.22 -16.40
CA VAL A 316 21.91 -5.48 -15.25
C VAL A 316 20.38 -5.50 -15.22
N ASN A 317 19.79 -5.67 -14.05
CA ASN A 317 18.37 -5.41 -13.90
C ASN A 317 18.16 -3.94 -13.56
N VAL A 318 17.25 -3.30 -14.28
CA VAL A 318 16.94 -1.88 -14.06
C VAL A 318 15.51 -1.74 -13.53
N ILE A 319 15.33 -1.00 -12.44
CA ILE A 319 13.98 -0.69 -11.97
C ILE A 319 13.75 0.81 -12.14
N PHE A 320 12.68 1.16 -12.84
CA PHE A 320 12.34 2.56 -13.06
C PHE A 320 11.08 2.84 -12.28
N VAL A 321 11.19 3.70 -11.26
CA VAL A 321 10.13 3.78 -10.28
C VAL A 321 9.95 5.19 -9.70
N GLY A 322 8.70 5.55 -9.39
CA GLY A 322 8.41 6.85 -8.82
C GLY A 322 8.01 6.75 -7.36
N ASP A 323 7.95 7.89 -6.68
CA ASP A 323 7.50 7.89 -5.28
C ASP A 323 5.98 8.18 -5.15
N HIS A 324 5.44 8.99 -6.05
CA HIS A 324 4.04 9.39 -6.03
C HIS A 324 3.78 10.19 -7.30
N GLY A 325 2.52 10.52 -7.58
CA GLY A 325 2.16 11.34 -8.72
C GLY A 325 2.00 12.83 -8.42
N MET A 326 1.08 13.49 -9.13
CA MET A 326 0.94 14.95 -9.07
C MET A 326 -0.46 15.32 -9.54
N GLU A 327 -1.12 16.20 -8.80
CA GLU A 327 -2.51 16.59 -9.05
C GLU A 327 -2.54 18.09 -9.40
N ASP A 328 -3.59 18.54 -10.08
CA ASP A 328 -3.81 19.99 -10.26
C ASP A 328 -4.24 20.62 -8.94
N VAL A 329 -3.38 21.46 -8.36
CA VAL A 329 -3.73 22.14 -7.11
C VAL A 329 -3.26 23.60 -7.19
N THR A 330 -4.16 24.54 -6.89
CA THR A 330 -3.83 25.96 -6.96
C THR A 330 -4.31 26.75 -5.76
N CYS A 331 -3.74 27.95 -5.59
CA CYS A 331 -4.05 28.86 -4.49
C CYS A 331 -5.55 29.09 -4.33
N ASP A 332 -6.27 29.16 -5.44
CA ASP A 332 -7.70 29.44 -5.41
C ASP A 332 -8.50 28.34 -4.73
N ARG A 333 -7.90 27.16 -4.59
CA ARG A 333 -8.61 26.03 -3.98
C ARG A 333 -8.06 25.69 -2.60
N THR A 334 -8.16 26.65 -1.70
CA THR A 334 -7.69 26.48 -0.34
C THR A 334 -8.83 26.68 0.64
N GLU A 335 -9.08 25.67 1.48
CA GLU A 335 -9.99 25.81 2.61
C GLU A 335 -9.19 26.40 3.78
N PHE A 336 -9.83 27.23 4.60
CA PHE A 336 -9.15 27.80 5.75
C PHE A 336 -9.81 27.39 7.05
N LEU A 337 -9.05 26.81 7.97
CA LEU A 337 -9.59 26.41 9.27
C LEU A 337 -10.22 27.58 10.06
N SER A 338 -9.72 28.79 9.83
CA SER A 338 -10.25 29.99 10.49
C SER A 338 -11.69 30.28 10.11
N ASN A 339 -12.17 29.68 9.02
CA ASN A 339 -13.58 29.81 8.66
C ASN A 339 -14.48 28.91 9.51
N TYR A 340 -13.88 27.95 10.20
CA TYR A 340 -14.65 26.96 10.94
C TYR A 340 -14.42 27.07 12.45
N LEU A 341 -13.22 27.52 12.82
CA LEU A 341 -12.75 27.47 14.20
C LEU A 341 -12.42 28.87 14.65
N THR A 342 -12.65 29.13 15.94
CA THR A 342 -12.54 30.47 16.51
C THR A 342 -11.10 30.89 16.77
N ASN A 343 -10.30 30.01 17.34
CA ASN A 343 -8.94 30.40 17.71
C ASN A 343 -7.85 29.57 17.05
N VAL A 344 -7.66 29.74 15.75
CA VAL A 344 -6.68 28.90 15.05
C VAL A 344 -5.23 29.17 15.46
N ASP A 345 -4.98 30.27 16.15
CA ASP A 345 -3.61 30.57 16.54
C ASP A 345 -3.13 29.67 17.68
N ASP A 346 -4.06 28.93 18.29
CA ASP A 346 -3.70 28.01 19.37
C ASP A 346 -3.45 26.56 18.91
N ILE A 347 -3.59 26.32 17.61
CA ILE A 347 -3.24 25.00 17.08
C ILE A 347 -2.13 25.08 16.06
N THR A 348 -1.40 23.97 15.94
CA THR A 348 -0.44 23.81 14.88
C THR A 348 -1.06 22.89 13.84
N LEU A 349 -0.90 23.23 12.58
CA LEU A 349 -1.44 22.41 11.49
C LEU A 349 -0.36 22.03 10.51
N VAL A 350 -0.22 20.73 10.28
CA VAL A 350 0.51 20.23 9.11
C VAL A 350 -0.48 20.34 7.95
N PRO A 351 -0.21 21.26 7.00
CA PRO A 351 -1.25 21.70 6.08
C PRO A 351 -1.08 21.13 4.67
N GLY A 352 -1.92 21.61 3.75
CA GLY A 352 -1.75 21.32 2.34
C GLY A 352 -2.73 20.28 1.83
N THR A 353 -2.20 19.18 1.31
CA THR A 353 -2.99 18.10 0.72
C THR A 353 -3.38 17.06 1.75
N LEU A 354 -3.03 17.30 3.01
CA LEU A 354 -3.57 16.57 4.15
C LEU A 354 -3.54 17.51 5.33
N GLY A 355 -4.20 17.12 6.41
CA GLY A 355 -4.18 17.92 7.62
C GLY A 355 -3.85 17.07 8.83
N ARG A 356 -2.92 17.54 9.68
CA ARG A 356 -2.73 16.94 10.99
C ARG A 356 -2.73 18.06 12.01
N ILE A 357 -3.50 17.90 13.07
CA ILE A 357 -3.69 18.97 14.03
C ILE A 357 -3.25 18.58 15.42
N ARG A 358 -2.48 19.46 16.06
CA ARG A 358 -2.18 19.34 17.48
C ARG A 358 -2.18 20.76 18.07
N PRO A 359 -2.21 20.87 19.41
CA PRO A 359 -2.14 22.22 20.00
C PRO A 359 -0.76 22.83 19.76
N LYS A 360 -0.71 24.16 19.59
CA LYS A 360 0.54 24.86 19.35
C LYS A 360 1.51 24.61 20.50
N ILE A 361 0.96 24.61 21.71
CA ILE A 361 1.73 24.27 22.89
C ILE A 361 1.54 22.78 23.16
N PRO A 362 2.64 22.03 23.17
CA PRO A 362 2.50 20.58 23.33
C PRO A 362 1.79 20.25 24.63
N ASN A 363 0.85 19.31 24.57
CA ASN A 363 0.11 18.87 25.75
C ASN A 363 -0.66 20.00 26.43
N ASN A 364 -0.96 21.05 25.68
CA ASN A 364 -1.79 22.15 26.20
C ASN A 364 -3.10 21.57 26.69
N LEU A 365 -3.36 21.75 27.98
CA LEU A 365 -4.50 21.11 28.63
C LEU A 365 -5.86 21.61 28.12
N LYS A 366 -5.91 22.84 27.64
CA LYS A 366 -7.14 23.44 27.14
C LYS A 366 -7.49 23.01 25.70
N TYR A 367 -6.58 22.27 25.08
CA TYR A 367 -6.83 21.68 23.78
C TYR A 367 -8.07 20.78 23.82
N ASP A 368 -9.05 21.09 22.97
CA ASP A 368 -10.35 20.44 22.98
C ASP A 368 -10.65 19.81 21.61
N PRO A 369 -10.05 18.64 21.33
CA PRO A 369 -10.22 18.06 19.99
C PRO A 369 -11.65 17.66 19.62
N LYS A 370 -12.48 17.26 20.58
CA LYS A 370 -13.84 16.90 20.23
C LYS A 370 -14.63 18.10 19.73
N ALA A 371 -14.39 19.26 20.32
CA ALA A 371 -15.08 20.49 19.93
C ALA A 371 -14.57 20.93 18.56
N ILE A 372 -13.27 20.79 18.35
CA ILE A 372 -12.70 21.14 17.06
C ILE A 372 -13.34 20.28 15.97
N ILE A 373 -13.35 18.97 16.17
CA ILE A 373 -13.90 18.07 15.18
C ILE A 373 -15.35 18.42 14.90
N ALA A 374 -16.10 18.74 15.94
CA ALA A 374 -17.50 19.09 15.77
C ALA A 374 -17.65 20.30 14.85
N ASN A 375 -16.81 21.31 15.06
CA ASN A 375 -16.82 22.46 14.17
C ASN A 375 -16.32 22.20 12.75
N LEU A 376 -15.73 21.02 12.51
CA LEU A 376 -15.18 20.69 11.21
C LEU A 376 -16.03 19.66 10.47
N THR A 377 -17.12 19.25 11.10
CA THR A 377 -17.91 18.17 10.55
C THR A 377 -19.08 18.69 9.75
N CYS A 378 -19.05 18.46 8.44
CA CYS A 378 -20.14 18.79 7.53
C CYS A 378 -20.72 20.19 7.73
N LYS A 379 -19.86 21.21 7.77
CA LYS A 379 -20.31 22.57 8.02
C LYS A 379 -20.51 23.40 6.74
N LYS A 380 -20.02 22.88 5.62
CA LYS A 380 -20.24 23.49 4.31
C LYS A 380 -20.74 22.41 3.39
N PRO A 381 -21.69 22.75 2.50
CA PRO A 381 -22.22 21.72 1.60
C PRO A 381 -21.17 21.26 0.60
N ASP A 382 -20.23 22.12 0.24
CA ASP A 382 -19.19 21.72 -0.71
C ASP A 382 -17.85 21.44 -0.03
N GLN A 383 -17.88 21.16 1.27
CA GLN A 383 -16.67 21.07 2.09
C GLN A 383 -15.59 20.17 1.47
N HIS A 384 -14.38 20.71 1.28
CA HIS A 384 -13.33 20.00 0.54
C HIS A 384 -12.31 19.26 1.39
N PHE A 385 -12.71 18.92 2.61
CA PHE A 385 -11.94 18.01 3.45
C PHE A 385 -12.91 17.35 4.42
N LYS A 386 -12.44 16.33 5.14
CA LYS A 386 -13.23 15.68 6.17
C LYS A 386 -12.35 15.32 7.37
N PRO A 387 -12.78 15.70 8.59
CA PRO A 387 -12.06 15.38 9.83
C PRO A 387 -12.21 13.91 10.25
N TYR A 388 -11.13 13.32 10.72
CA TYR A 388 -11.15 11.96 11.24
C TYR A 388 -10.28 11.89 12.50
N MET A 389 -10.78 11.26 13.55
CA MET A 389 -9.86 10.73 14.54
C MET A 389 -9.12 9.64 13.80
N LYS A 390 -7.82 9.48 14.04
CA LYS A 390 -7.02 8.62 13.18
C LYS A 390 -7.53 7.18 13.14
N GLN A 391 -8.10 6.71 14.25
CA GLN A 391 -8.57 5.34 14.30
C GLN A 391 -9.81 5.15 13.42
N HIS A 392 -10.38 6.25 12.95
CA HIS A 392 -11.54 6.19 12.08
C HIS A 392 -11.17 6.26 10.60
N LEU A 393 -9.90 6.56 10.29
CA LEU A 393 -9.46 6.56 8.90
C LEU A 393 -9.66 5.18 8.31
N PRO A 394 -9.96 5.11 7.01
CA PRO A 394 -10.06 3.86 6.28
C PRO A 394 -8.86 2.97 6.61
N LYS A 395 -9.15 1.70 6.93
CA LYS A 395 -8.11 0.78 7.38
C LYS A 395 -7.06 0.55 6.30
N ARG A 396 -7.47 0.65 5.03
CA ARG A 396 -6.54 0.47 3.89
C ARG A 396 -5.35 1.45 3.91
N LEU A 397 -5.50 2.58 4.60
CA LEU A 397 -4.43 3.57 4.68
C LEU A 397 -3.34 3.19 5.69
N HIS A 398 -3.68 2.32 6.64
CA HIS A 398 -2.71 1.85 7.64
C HIS A 398 -1.96 3.02 8.28
N TYR A 399 -2.70 4.05 8.64
CA TYR A 399 -2.12 5.30 9.09
C TYR A 399 -2.62 5.70 10.48
N ALA A 400 -2.24 4.94 11.50
CA ALA A 400 -2.71 5.27 12.85
C ALA A 400 -1.74 4.87 13.97
N ASN A 401 -1.04 3.77 13.79
CA ASN A 401 -0.26 3.17 14.88
C ASN A 401 1.15 3.71 15.00
N ASN A 402 1.26 4.99 15.37
CA ASN A 402 2.54 5.66 15.58
C ASN A 402 2.29 6.94 16.36
N ARG A 403 3.09 7.18 17.39
CA ARG A 403 2.92 8.37 18.24
C ARG A 403 3.13 9.68 17.48
N ARG A 404 3.72 9.60 16.29
CA ARG A 404 4.00 10.77 15.48
C ARG A 404 2.81 11.18 14.62
N ILE A 405 1.77 10.36 14.60
CA ILE A 405 0.56 10.70 13.86
C ILE A 405 -0.46 11.30 14.81
N GLU A 406 -0.70 12.61 14.64
CA GLU A 406 -1.70 13.33 15.42
C GLU A 406 -3.04 12.60 15.44
N ASP A 407 -3.73 12.66 16.58
CA ASP A 407 -5.05 12.05 16.73
C ASP A 407 -6.00 12.58 15.68
N LEU A 408 -5.93 13.90 15.46
CA LEU A 408 -6.86 14.57 14.56
C LEU A 408 -6.28 14.71 13.17
N HIS A 409 -6.99 14.17 12.19
CA HIS A 409 -6.53 14.16 10.81
C HIS A 409 -7.59 14.78 9.91
N LEU A 410 -7.14 15.41 8.83
CA LEU A 410 -8.06 15.86 7.81
C LEU A 410 -7.69 15.19 6.49
N LEU A 411 -8.60 14.37 5.96
CA LEU A 411 -8.40 13.87 4.61
C LEU A 411 -8.88 14.94 3.68
N VAL A 412 -8.03 15.39 2.77
CA VAL A 412 -8.38 16.50 1.90
C VAL A 412 -8.81 16.03 0.50
N GLU A 413 -9.83 16.68 -0.07
CA GLU A 413 -10.34 16.28 -1.37
C GLU A 413 -9.29 16.53 -2.44
N ARG A 414 -9.18 15.63 -3.43
CA ARG A 414 -8.24 15.85 -4.54
C ARG A 414 -8.44 17.25 -5.14
N ARG A 415 -7.32 17.90 -5.50
CA ARG A 415 -7.27 19.23 -6.13
C ARG A 415 -7.34 20.41 -5.15
N TRP A 416 -7.53 20.12 -3.87
CA TRP A 416 -7.66 21.16 -2.83
C TRP A 416 -6.54 21.20 -1.80
N HIS A 417 -6.44 22.33 -1.11
CA HIS A 417 -5.54 22.51 0.02
C HIS A 417 -6.36 22.86 1.26
N VAL A 418 -5.86 22.52 2.44
CA VAL A 418 -6.37 23.09 3.68
C VAL A 418 -5.25 23.87 4.34
N ALA A 419 -5.58 25.08 4.81
CA ALA A 419 -4.63 25.93 5.50
C ALA A 419 -5.22 26.40 6.82
N ARG A 420 -4.37 26.90 7.71
CA ARG A 420 -4.84 27.33 9.02
C ARG A 420 -5.65 28.64 8.92
N LYS A 421 -5.14 29.63 8.19
CA LYS A 421 -5.82 30.91 7.99
C LYS A 421 -5.19 31.67 6.81
N PRO A 422 -5.89 32.70 6.29
CA PRO A 422 -5.25 33.47 5.21
C PRO A 422 -4.08 34.29 5.71
N CYS A 433 -0.26 33.22 -7.77
CA CYS A 433 0.00 31.91 -7.16
C CYS A 433 1.22 31.26 -7.80
N PHE A 434 2.16 30.82 -6.98
CA PHE A 434 3.42 30.28 -7.49
C PHE A 434 3.43 28.78 -7.72
N PHE A 435 2.28 28.13 -7.58
CA PHE A 435 2.21 26.69 -7.84
C PHE A 435 0.91 26.29 -8.54
N GLN A 436 0.99 25.21 -9.31
CA GLN A 436 -0.16 24.69 -10.01
C GLN A 436 -0.33 23.19 -9.78
N GLY A 437 0.62 22.58 -9.07
CA GLY A 437 0.54 21.16 -8.83
C GLY A 437 0.92 20.79 -7.41
N ASP A 438 0.35 19.70 -6.90
CA ASP A 438 0.76 19.18 -5.59
C ASP A 438 0.29 17.74 -5.43
N HIS A 439 0.72 17.11 -4.34
CA HIS A 439 0.49 15.70 -4.11
C HIS A 439 0.45 15.46 -2.60
N GLY A 440 -0.05 14.31 -2.17
CA GLY A 440 -0.13 14.02 -0.74
C GLY A 440 -1.45 13.40 -0.35
N PHE A 441 -2.42 13.50 -1.25
CA PHE A 441 -3.77 12.96 -1.05
C PHE A 441 -3.81 11.45 -0.85
N ASP A 442 -4.96 11.00 -0.36
CA ASP A 442 -5.40 9.60 -0.37
C ASP A 442 -4.75 8.80 -1.50
N ASN A 443 -4.07 7.72 -1.15
CA ASN A 443 -3.30 6.96 -2.13
C ASN A 443 -4.11 6.13 -3.13
N LYS A 444 -5.43 6.14 -3.04
CA LYS A 444 -6.21 5.52 -4.11
C LYS A 444 -6.64 6.53 -5.19
N VAL A 445 -6.38 7.81 -4.96
CA VAL A 445 -6.65 8.85 -5.96
C VAL A 445 -5.81 8.65 -7.23
N ASN A 446 -6.45 8.69 -8.39
CA ASN A 446 -5.76 8.39 -9.65
C ASN A 446 -4.51 9.23 -9.92
N SER A 447 -4.62 10.53 -9.71
CA SER A 447 -3.50 11.44 -9.91
C SER A 447 -2.27 11.11 -9.05
N MET A 448 -2.47 10.37 -7.96
CA MET A 448 -1.36 10.05 -7.06
C MET A 448 -0.56 8.83 -7.46
N GLN A 449 -1.10 8.06 -8.41
CA GLN A 449 -0.47 6.81 -8.81
C GLN A 449 0.84 7.11 -9.50
N THR A 450 1.80 6.21 -9.35
CA THR A 450 3.12 6.48 -9.89
C THR A 450 3.56 5.30 -10.77
N VAL A 451 4.82 5.30 -11.19
CA VAL A 451 5.28 4.37 -12.24
C VAL A 451 6.10 3.17 -11.71
N PHE A 452 5.97 2.03 -12.38
CA PHE A 452 6.91 0.92 -12.24
C PHE A 452 7.20 0.23 -13.57
N VAL A 453 8.50 0.09 -13.87
CA VAL A 453 8.99 -0.68 -14.99
C VAL A 453 10.21 -1.48 -14.51
N GLY A 454 10.24 -2.76 -14.86
CA GLY A 454 11.38 -3.60 -14.58
C GLY A 454 11.94 -4.11 -15.90
N TYR A 455 13.24 -3.99 -16.09
CA TYR A 455 13.86 -4.42 -17.34
C TYR A 455 15.14 -5.15 -17.03
N GLY A 456 15.30 -6.34 -17.58
CA GLY A 456 16.54 -7.06 -17.43
C GLY A 456 16.31 -8.57 -17.42
N PRO A 457 17.39 -9.33 -17.23
CA PRO A 457 17.33 -10.80 -17.36
C PRO A 457 16.36 -11.44 -16.38
N THR A 458 16.24 -10.91 -15.17
CA THR A 458 15.35 -11.56 -14.21
C THR A 458 13.89 -11.14 -14.40
N PHE A 459 13.65 -10.10 -15.18
CA PHE A 459 12.28 -9.67 -15.45
C PHE A 459 11.72 -10.35 -16.68
N LYS A 460 10.40 -10.37 -16.82
CA LYS A 460 9.83 -10.95 -18.02
C LYS A 460 10.01 -10.00 -19.19
N TYR A 461 9.89 -10.55 -20.39
CA TYR A 461 10.00 -9.82 -21.64
C TYR A 461 8.61 -9.40 -22.13
N ARG A 462 8.47 -8.16 -22.58
CA ARG A 462 7.22 -7.62 -23.13
C ARG A 462 5.97 -8.06 -22.35
N THR A 463 5.95 -7.78 -21.06
CA THR A 463 4.88 -8.27 -20.20
C THR A 463 4.26 -7.16 -19.38
N LYS A 464 2.93 -7.07 -19.41
CA LYS A 464 2.20 -6.14 -18.57
C LYS A 464 1.65 -6.88 -17.36
N VAL A 465 1.74 -6.27 -16.19
CA VAL A 465 1.23 -6.88 -14.95
C VAL A 465 0.18 -5.94 -14.31
N PRO A 466 -0.70 -6.48 -13.45
CA PRO A 466 -1.68 -5.59 -12.84
C PRO A 466 -1.00 -4.57 -11.93
N PRO A 467 -1.67 -3.45 -11.65
CA PRO A 467 -1.07 -2.48 -10.73
C PRO A 467 -0.88 -3.14 -9.36
N PHE A 468 0.13 -2.69 -8.63
CA PHE A 468 0.45 -3.24 -7.32
C PHE A 468 0.92 -2.11 -6.41
N GLU A 469 0.97 -2.38 -5.11
CA GLU A 469 1.37 -1.40 -4.11
C GLU A 469 2.89 -1.37 -3.91
N ASN A 470 3.45 -0.18 -3.66
CA ASN A 470 4.89 -0.05 -3.53
C ASN A 470 5.48 -0.82 -2.34
N ILE A 471 4.65 -1.12 -1.33
CA ILE A 471 5.12 -1.95 -0.21
C ILE A 471 5.60 -3.33 -0.63
N GLU A 472 5.19 -3.77 -1.81
CA GLU A 472 5.57 -5.09 -2.33
C GLU A 472 6.98 -5.10 -2.94
N LEU A 473 7.56 -3.93 -3.22
CA LEU A 473 8.81 -3.88 -3.99
C LEU A 473 10.04 -4.39 -3.25
N TYR A 474 10.13 -4.09 -1.96
CA TYR A 474 11.28 -4.51 -1.17
C TYR A 474 11.52 -6.04 -1.26
N ASN A 475 10.48 -6.85 -1.07
CA ASN A 475 10.63 -8.30 -1.22
C ASN A 475 11.25 -8.68 -2.57
N VAL A 476 10.73 -8.08 -3.63
CA VAL A 476 11.17 -8.39 -4.99
C VAL A 476 12.62 -7.97 -5.23
N MET A 477 13.00 -6.80 -4.70
CA MET A 477 14.38 -6.35 -4.83
C MET A 477 15.30 -7.30 -4.05
N CYS A 478 14.84 -7.77 -2.90
CA CYS A 478 15.55 -8.79 -2.14
C CYS A 478 15.75 -10.07 -2.97
N ASP A 479 14.66 -10.58 -3.56
CA ASP A 479 14.72 -11.72 -4.48
C ASP A 479 15.75 -11.51 -5.59
N LEU A 480 15.72 -10.31 -6.20
CA LEU A 480 16.64 -9.97 -7.29
C LEU A 480 18.10 -10.00 -6.88
N LEU A 481 18.35 -9.76 -5.61
CA LEU A 481 19.71 -9.72 -5.10
C LEU A 481 20.08 -10.95 -4.30
N GLY A 482 19.19 -11.94 -4.28
CA GLY A 482 19.40 -13.15 -3.51
C GLY A 482 19.37 -12.91 -2.00
N LEU A 483 18.62 -11.92 -1.54
CA LEU A 483 18.60 -11.59 -0.11
C LEU A 483 17.38 -12.14 0.61
N LYS A 484 17.48 -12.31 1.93
CA LYS A 484 16.32 -12.67 2.74
C LYS A 484 15.74 -11.37 3.30
N PRO A 485 14.49 -11.07 2.97
CA PRO A 485 13.93 -9.78 3.41
C PRO A 485 13.68 -9.74 4.91
N ALA A 486 13.90 -8.57 5.51
CA ALA A 486 13.53 -8.31 6.90
C ALA A 486 12.01 -8.32 6.97
N PRO A 487 11.45 -8.53 8.17
CA PRO A 487 9.98 -8.54 8.31
C PRO A 487 9.38 -7.25 7.74
N ASN A 488 8.40 -7.39 6.86
CA ASN A 488 7.80 -6.23 6.25
C ASN A 488 6.35 -6.43 5.87
N ASN A 489 5.76 -5.44 5.21
CA ASN A 489 4.32 -5.48 4.96
C ASN A 489 3.92 -5.97 3.57
N GLY A 490 4.91 -6.20 2.70
CA GLY A 490 4.63 -6.88 1.45
C GLY A 490 4.15 -8.31 1.73
N THR A 491 3.60 -8.95 0.71
CA THR A 491 3.19 -10.35 0.79
C THR A 491 4.08 -11.12 -0.19
N HIS A 492 5.08 -11.81 0.35
CA HIS A 492 6.15 -12.35 -0.46
C HIS A 492 5.59 -13.42 -1.38
N GLY A 493 5.72 -13.22 -2.68
CA GLY A 493 5.17 -14.15 -3.64
C GLY A 493 4.06 -13.55 -4.48
N SER A 494 3.43 -12.49 -3.98
CA SER A 494 2.35 -11.81 -4.68
C SER A 494 2.84 -11.17 -5.98
N LEU A 495 4.14 -10.96 -6.09
CA LEU A 495 4.70 -10.40 -7.32
C LEU A 495 5.60 -11.38 -8.07
N ASN A 496 5.46 -12.67 -7.81
CA ASN A 496 6.23 -13.66 -8.56
C ASN A 496 6.01 -13.56 -10.09
N HIS A 497 4.85 -13.05 -10.48
CA HIS A 497 4.49 -13.02 -11.89
C HIS A 497 5.22 -11.91 -12.64
N LEU A 498 6.04 -11.13 -11.92
CA LEU A 498 6.86 -10.11 -12.56
C LEU A 498 8.15 -10.73 -13.10
N LEU A 499 8.52 -11.90 -12.58
CA LEU A 499 9.87 -12.44 -12.76
C LEU A 499 9.98 -13.72 -13.61
N ARG A 500 11.05 -13.76 -14.40
CA ARG A 500 11.47 -14.93 -15.17
C ARG A 500 11.95 -16.07 -14.26
N THR A 501 12.89 -15.75 -13.38
CA THR A 501 13.41 -16.67 -12.37
C THR A 501 13.57 -15.92 -11.06
N ASN A 502 14.23 -16.55 -10.11
CA ASN A 502 14.46 -15.99 -8.78
C ASN A 502 13.15 -15.73 -8.05
N THR A 503 12.08 -16.39 -8.50
CA THR A 503 10.80 -16.30 -7.79
C THR A 503 10.98 -16.89 -6.39
N PHE A 504 10.08 -16.52 -5.50
CA PHE A 504 10.12 -16.99 -4.12
C PHE A 504 9.00 -17.99 -3.95
N ARG A 505 9.32 -19.21 -3.53
CA ARG A 505 8.31 -20.22 -3.36
C ARG A 505 7.60 -20.07 -2.01
N PRO A 506 6.33 -19.60 -2.05
CA PRO A 506 5.64 -19.29 -0.80
C PRO A 506 5.09 -20.57 -0.20
N THR A 507 4.91 -20.58 1.12
CA THR A 507 4.29 -21.74 1.75
C THR A 507 3.10 -21.32 2.58
N LEU A 508 2.00 -22.04 2.39
CA LEU A 508 0.76 -21.87 3.13
C LEU A 508 1.04 -21.87 4.63
N PRO A 509 0.47 -20.90 5.37
CA PRO A 509 0.63 -20.87 6.83
C PRO A 509 -0.14 -22.02 7.46
N GLU A 510 0.36 -22.56 8.57
CA GLU A 510 -0.27 -23.72 9.19
C GLU A 510 -1.50 -23.36 10.01
N GLU A 511 -2.57 -24.13 9.82
CA GLU A 511 -3.75 -23.99 10.67
C GLU A 511 -3.32 -24.25 12.12
N VAL A 512 -3.74 -23.37 13.02
CA VAL A 512 -3.34 -23.48 14.41
C VAL A 512 -4.47 -24.10 15.22
N SER A 513 -5.71 -23.70 14.91
CA SER A 513 -6.88 -24.22 15.61
C SER A 513 -7.79 -24.98 14.67
N ARG A 514 -8.04 -26.24 14.99
CA ARG A 514 -8.95 -27.05 14.21
C ARG A 514 -10.37 -26.84 14.74
N PRO A 515 -11.36 -26.88 13.85
CA PRO A 515 -12.75 -26.64 14.18
C PRO A 515 -13.40 -27.90 14.76
N ASN A 516 -14.49 -27.69 15.49
CA ASN A 516 -15.34 -28.78 15.93
C ASN A 516 -16.54 -28.82 15.01
N TYR A 517 -17.22 -29.95 14.95
CA TYR A 517 -18.44 -30.08 14.15
C TYR A 517 -19.58 -30.60 15.00
N PRO A 518 -20.10 -29.75 15.90
CA PRO A 518 -21.15 -30.14 16.85
C PRO A 518 -22.44 -30.57 16.17
N GLY A 519 -23.09 -31.60 16.72
CA GLY A 519 -24.42 -31.99 16.28
C GLY A 519 -25.45 -31.38 17.22
N ILE A 520 -26.54 -32.11 17.46
CA ILE A 520 -27.50 -31.73 18.47
C ILE A 520 -26.97 -32.20 19.82
N MET A 521 -26.76 -31.28 20.75
CA MET A 521 -26.26 -31.65 22.08
C MET A 521 -27.07 -31.00 23.20
N TYR A 522 -28.02 -30.15 22.83
CA TYR A 522 -28.77 -29.40 23.82
C TYR A 522 -30.25 -29.37 23.52
N LEU A 523 -31.04 -29.10 24.55
CA LEU A 523 -32.48 -29.02 24.41
C LEU A 523 -32.89 -27.56 24.44
N GLN A 524 -33.93 -27.21 23.68
CA GLN A 524 -34.40 -25.83 23.66
C GLN A 524 -34.68 -25.32 25.07
N SER A 525 -35.02 -26.25 25.98
CA SER A 525 -35.30 -25.93 27.36
C SER A 525 -34.04 -25.67 28.20
N ASP A 526 -32.88 -26.07 27.68
CA ASP A 526 -31.61 -25.79 28.36
C ASP A 526 -31.29 -24.30 28.27
N PHE A 527 -31.97 -23.60 27.37
CA PHE A 527 -31.63 -22.22 27.06
C PHE A 527 -32.49 -21.21 27.80
N ASP A 528 -31.83 -20.18 28.32
CA ASP A 528 -32.47 -19.11 29.04
C ASP A 528 -31.81 -17.79 28.65
N LEU A 529 -32.07 -17.35 27.42
CA LEU A 529 -31.38 -16.20 26.85
C LEU A 529 -32.28 -14.97 26.76
N GLY A 530 -33.57 -15.18 26.99
CA GLY A 530 -34.52 -14.09 26.91
C GLY A 530 -34.90 -13.83 25.46
N CYS A 531 -34.56 -14.77 24.62
CA CYS A 531 -34.90 -14.69 23.21
C CYS A 531 -36.26 -15.33 22.97
N THR A 532 -37.03 -14.77 22.05
CA THR A 532 -38.33 -15.31 21.69
C THR A 532 -38.51 -15.32 20.17
N CYS A 533 -39.22 -16.33 19.68
CA CYS A 533 -39.54 -16.41 18.26
C CYS A 533 -40.74 -17.32 18.00
N ASP A 534 -41.60 -16.90 17.07
CA ASP A 534 -42.78 -17.66 16.68
C ASP A 534 -42.45 -18.68 15.60
N ASP A 535 -41.90 -19.82 16.02
CA ASP A 535 -41.55 -20.91 15.10
C ASP A 535 -42.77 -21.59 14.50
N LEU A 539 -43.60 -29.08 12.26
CA LEU A 539 -43.51 -30.48 12.71
C LEU A 539 -42.30 -30.69 13.60
N GLU A 540 -42.53 -31.30 14.75
CA GLU A 540 -41.46 -31.57 15.70
C GLU A 540 -40.29 -32.32 15.05
N GLU A 541 -40.56 -33.48 14.47
CA GLU A 541 -39.45 -34.30 13.98
C GLU A 541 -38.72 -33.69 12.79
N LEU A 542 -39.36 -32.73 12.10
CA LEU A 542 -38.69 -31.98 11.04
C LEU A 542 -37.79 -30.87 11.59
N ASN A 543 -37.87 -30.61 12.90
CA ASN A 543 -36.99 -29.66 13.54
C ASN A 543 -35.62 -30.27 13.88
N HIS A 547 -29.15 -30.51 9.09
CA HIS A 547 -28.08 -29.53 9.28
C HIS A 547 -26.71 -30.18 9.16
N THR A 548 -26.65 -31.31 8.45
CA THR A 548 -25.39 -32.00 8.22
C THR A 548 -24.65 -31.28 7.11
N LYS A 549 -23.41 -31.68 6.87
CA LYS A 549 -22.61 -31.12 5.78
C LYS A 549 -23.37 -31.17 4.46
N GLY A 550 -23.63 -32.39 3.97
CA GLY A 550 -24.30 -32.57 2.70
C GLY A 550 -23.53 -31.85 1.59
N SER A 551 -24.24 -31.01 0.86
CA SER A 551 -23.62 -30.27 -0.25
C SER A 551 -23.46 -28.80 0.12
N THR A 552 -23.64 -28.48 1.40
CA THR A 552 -23.53 -27.09 1.87
C THR A 552 -22.12 -26.54 1.63
N GLU A 553 -21.12 -27.35 1.96
CA GLU A 553 -19.72 -26.96 1.77
C GLU A 553 -19.43 -26.58 0.31
N GLU A 554 -19.83 -27.44 -0.62
CA GLU A 554 -19.50 -27.23 -2.03
C GLU A 554 -20.31 -26.09 -2.67
N ARG A 555 -21.43 -25.73 -2.05
CA ARG A 555 -22.27 -24.65 -2.58
C ARG A 555 -21.91 -23.27 -2.01
N HIS A 556 -21.66 -23.22 -0.71
CA HIS A 556 -21.52 -21.94 -0.03
C HIS A 556 -20.09 -21.66 0.44
N LEU A 557 -19.23 -22.68 0.41
CA LEU A 557 -17.83 -22.53 0.82
C LEU A 557 -16.91 -22.95 -0.33
N LEU A 558 -16.70 -22.05 -1.28
CA LEU A 558 -16.10 -22.38 -2.57
C LEU A 558 -14.58 -22.54 -2.58
N TYR A 559 -13.90 -22.00 -1.56
CA TYR A 559 -12.44 -21.91 -1.60
C TYR A 559 -11.85 -22.55 -0.37
N GLY A 560 -12.63 -23.44 0.24
CA GLY A 560 -12.24 -24.11 1.47
C GLY A 560 -12.55 -23.25 2.69
N ARG A 561 -12.52 -23.87 3.86
CA ARG A 561 -12.67 -23.10 5.09
C ARG A 561 -11.46 -22.19 5.28
N PRO A 562 -11.68 -20.99 5.81
CA PRO A 562 -10.52 -20.20 6.21
C PRO A 562 -9.78 -20.96 7.32
N ALA A 563 -8.45 -20.89 7.35
CA ALA A 563 -7.72 -21.44 8.49
C ALA A 563 -7.57 -20.39 9.58
N VAL A 564 -7.77 -20.81 10.82
CA VAL A 564 -7.62 -19.95 11.99
C VAL A 564 -6.20 -20.05 12.46
N LEU A 565 -5.48 -18.94 12.42
CA LEU A 565 -4.04 -18.97 12.63
C LEU A 565 -3.64 -18.55 14.03
N TYR A 566 -4.58 -18.66 14.97
CA TYR A 566 -4.30 -18.41 16.37
C TYR A 566 -5.03 -19.44 17.24
N ARG A 567 -4.66 -19.53 18.51
CA ARG A 567 -5.24 -20.56 19.38
C ARG A 567 -6.61 -20.12 19.89
N THR A 568 -7.63 -20.93 19.60
CA THR A 568 -8.99 -20.58 19.99
C THR A 568 -9.94 -21.78 19.80
N SER A 569 -11.20 -21.58 20.15
CA SER A 569 -12.18 -22.67 20.11
C SER A 569 -13.38 -22.24 19.28
N TYR A 570 -13.64 -22.96 18.20
CA TYR A 570 -14.73 -22.60 17.30
C TYR A 570 -15.38 -23.78 16.59
N ASP A 571 -16.64 -23.62 16.20
CA ASP A 571 -17.46 -24.67 15.60
C ASP A 571 -17.91 -24.33 14.19
N ILE A 572 -17.79 -25.29 13.28
CA ILE A 572 -18.41 -25.17 11.97
C ILE A 572 -19.90 -25.45 12.09
N LEU A 573 -20.72 -24.52 11.61
CA LEU A 573 -22.17 -24.69 11.62
C LEU A 573 -22.69 -24.63 10.20
N TYR A 574 -23.44 -25.65 9.78
CA TYR A 574 -23.96 -25.73 8.42
C TYR A 574 -25.41 -25.29 8.34
N HIS A 575 -25.81 -24.77 7.19
CA HIS A 575 -27.21 -24.41 6.97
C HIS A 575 -27.50 -24.55 5.49
N THR A 576 -28.77 -24.60 5.14
CA THR A 576 -29.18 -24.60 3.73
C THR A 576 -28.57 -23.43 2.95
N ASP A 577 -28.51 -22.25 3.55
CA ASP A 577 -28.13 -21.06 2.80
C ASP A 577 -26.74 -20.53 3.11
N PHE A 578 -26.17 -20.95 4.22
CA PHE A 578 -24.86 -20.46 4.65
C PHE A 578 -24.09 -21.42 5.55
N GLU A 579 -22.78 -21.21 5.61
CA GLU A 579 -21.92 -21.89 6.57
C GLU A 579 -21.20 -20.82 7.40
N SER A 580 -20.87 -21.14 8.64
CA SER A 580 -20.12 -20.21 9.48
C SER A 580 -19.14 -20.95 10.35
N GLY A 581 -18.09 -20.26 10.78
CA GLY A 581 -17.16 -20.78 11.78
C GLY A 581 -17.41 -19.99 13.05
N TYR A 582 -18.16 -20.59 13.97
CA TYR A 582 -18.69 -19.85 15.11
C TYR A 582 -17.72 -19.90 16.27
N SER A 583 -17.41 -18.76 16.85
CA SER A 583 -16.43 -18.72 17.94
C SER A 583 -17.09 -18.86 19.31
N GLU A 584 -16.65 -19.86 20.06
CA GLU A 584 -17.17 -20.09 21.41
C GLU A 584 -16.54 -19.14 22.42
N ILE A 585 -15.50 -18.43 21.99
CA ILE A 585 -14.83 -17.47 22.85
C ILE A 585 -15.41 -16.07 22.66
N PHE A 586 -15.63 -15.67 21.41
CA PHE A 586 -16.10 -14.31 21.15
C PHE A 586 -17.59 -14.25 20.95
N LEU A 587 -18.24 -15.41 21.05
CA LEU A 587 -19.70 -15.51 21.05
C LEU A 587 -20.37 -15.10 19.74
N MET A 588 -19.66 -15.28 18.63
CA MET A 588 -20.17 -14.91 17.32
C MET A 588 -19.30 -15.56 16.24
N PRO A 589 -19.78 -15.61 14.99
CA PRO A 589 -18.92 -16.18 13.95
C PRO A 589 -17.67 -15.34 13.69
N LEU A 590 -16.56 -16.01 13.35
CA LEU A 590 -15.34 -15.36 12.92
C LEU A 590 -15.50 -15.10 11.43
N TRP A 591 -16.30 -15.95 10.79
CA TRP A 591 -16.60 -15.84 9.39
C TRP A 591 -17.93 -16.53 9.08
N THR A 592 -18.64 -15.99 8.11
CA THR A 592 -19.92 -16.53 7.67
C THR A 592 -19.87 -16.51 6.16
N SER A 593 -20.11 -17.66 5.53
CA SER A 593 -19.87 -17.78 4.10
C SER A 593 -21.12 -18.25 3.36
N TYR A 594 -21.42 -17.59 2.24
CA TYR A 594 -22.58 -17.97 1.45
C TYR A 594 -22.49 -17.50 0.01
N THR A 595 -23.21 -18.21 -0.86
CA THR A 595 -23.19 -17.89 -2.29
C THR A 595 -24.57 -17.44 -2.73
N ILE A 596 -24.61 -16.37 -3.51
CA ILE A 596 -25.85 -15.83 -4.04
C ILE A 596 -25.79 -15.90 -5.57
N SER A 597 -26.70 -16.65 -6.18
CA SER A 597 -26.70 -16.82 -7.62
C SER A 597 -27.26 -15.58 -8.33
N LYS A 598 -26.97 -15.46 -9.62
CA LYS A 598 -27.39 -14.29 -10.38
C LYS A 598 -28.91 -14.08 -10.32
N GLN A 599 -29.66 -15.17 -10.26
CA GLN A 599 -31.11 -15.14 -10.36
C GLN A 599 -31.81 -15.12 -8.99
N ALA A 600 -31.02 -15.15 -7.92
CA ALA A 600 -31.55 -15.29 -6.56
C ALA A 600 -32.61 -14.24 -6.22
N GLU A 601 -33.49 -14.57 -5.29
CA GLU A 601 -34.60 -13.71 -4.96
C GLU A 601 -34.40 -13.05 -3.61
N VAL A 602 -34.67 -11.75 -3.56
CA VAL A 602 -34.65 -11.00 -2.31
C VAL A 602 -36.06 -11.02 -1.71
N SER A 603 -36.17 -11.38 -0.45
CA SER A 603 -37.47 -11.40 0.21
C SER A 603 -37.44 -10.55 1.47
N SER A 604 -38.62 -10.24 2.00
CA SER A 604 -38.70 -9.38 3.17
C SER A 604 -38.68 -10.25 4.42
N ILE A 605 -38.54 -9.61 5.57
CA ILE A 605 -38.70 -10.32 6.84
C ILE A 605 -40.17 -10.24 7.24
N PRO A 606 -40.82 -11.40 7.35
CA PRO A 606 -42.23 -11.49 7.75
C PRO A 606 -42.48 -10.68 9.01
N GLU A 607 -43.64 -10.05 9.12
CA GLU A 607 -43.96 -9.23 10.27
C GLU A 607 -43.84 -10.01 11.59
N HIS A 608 -44.19 -11.30 11.57
CA HIS A 608 -44.18 -12.07 12.80
C HIS A 608 -42.77 -12.44 13.26
N LEU A 609 -41.79 -12.20 12.40
CA LEU A 609 -40.40 -12.57 12.70
C LEU A 609 -39.49 -11.38 12.98
N THR A 610 -40.06 -10.17 12.90
CA THR A 610 -39.29 -8.93 13.05
C THR A 610 -38.29 -9.00 14.20
N ASN A 611 -38.75 -9.49 15.34
CA ASN A 611 -37.91 -9.57 16.53
C ASN A 611 -37.47 -10.99 16.87
N CYS A 612 -37.51 -11.86 15.89
CA CYS A 612 -37.20 -13.27 16.11
C CYS A 612 -35.70 -13.54 16.31
N VAL A 613 -35.38 -14.17 17.44
CA VAL A 613 -34.07 -14.76 17.65
C VAL A 613 -34.25 -16.19 18.18
N ARG A 614 -33.56 -17.16 17.58
CA ARG A 614 -33.72 -18.57 17.97
C ARG A 614 -32.43 -19.16 18.55
N PRO A 615 -32.53 -19.81 19.71
CA PRO A 615 -31.36 -20.51 20.26
C PRO A 615 -30.86 -21.59 19.31
N ASP A 616 -29.56 -21.87 19.33
CA ASP A 616 -28.97 -22.87 18.45
C ASP A 616 -28.61 -24.07 19.30
N VAL A 617 -29.32 -25.18 19.09
CA VAL A 617 -29.11 -26.37 19.92
C VAL A 617 -27.76 -27.06 19.70
N ARG A 618 -26.99 -26.62 18.72
CA ARG A 618 -25.67 -27.20 18.49
C ARG A 618 -24.63 -26.59 19.43
N VAL A 619 -25.01 -25.49 20.05
CA VAL A 619 -24.06 -24.68 20.82
C VAL A 619 -24.57 -24.45 22.23
N SER A 620 -23.69 -24.61 23.20
CA SER A 620 -24.02 -24.44 24.61
C SER A 620 -24.66 -23.08 24.88
N PRO A 621 -25.62 -23.03 25.82
CA PRO A 621 -26.13 -21.70 26.19
C PRO A 621 -25.04 -20.86 26.84
N GLY A 622 -24.03 -21.51 27.41
CA GLY A 622 -22.89 -20.81 27.97
C GLY A 622 -21.98 -20.18 26.94
N PHE A 623 -22.09 -20.65 25.70
CA PHE A 623 -21.26 -20.12 24.61
C PHE A 623 -22.09 -19.29 23.65
N SER A 624 -23.22 -18.80 24.13
CA SER A 624 -24.15 -18.08 23.28
C SER A 624 -24.34 -16.65 23.77
N GLN A 625 -24.79 -15.78 22.87
CA GLN A 625 -25.25 -14.46 23.26
C GLN A 625 -26.64 -14.60 23.90
N ASN A 626 -27.21 -13.48 24.32
CA ASN A 626 -28.57 -13.49 24.85
C ASN A 626 -29.28 -12.20 24.51
N CYS A 627 -30.59 -12.29 24.31
CA CYS A 627 -31.37 -11.17 23.83
C CYS A 627 -31.62 -10.14 24.91
N LEU A 628 -31.39 -10.52 26.16
CA LEU A 628 -31.66 -9.61 27.27
C LEU A 628 -30.69 -8.43 27.26
N ALA A 629 -29.42 -8.73 27.09
CA ALA A 629 -28.37 -7.71 27.04
C ALA A 629 -28.68 -6.62 26.01
N TYR A 630 -29.25 -7.04 24.87
CA TYR A 630 -29.64 -6.09 23.85
C TYR A 630 -30.84 -5.24 24.27
N LYS A 631 -31.80 -5.85 24.95
CA LYS A 631 -32.94 -5.11 25.48
C LYS A 631 -32.49 -4.07 26.50
N ASN A 632 -31.54 -4.45 27.35
CA ASN A 632 -31.02 -3.53 28.35
C ASN A 632 -30.17 -2.41 27.73
N ASP A 633 -29.38 -2.75 26.73
CA ASP A 633 -28.47 -1.76 26.14
C ASP A 633 -29.21 -0.80 25.22
N LYS A 634 -29.46 0.41 25.72
CA LYS A 634 -30.28 1.38 25.00
C LYS A 634 -29.62 1.91 23.73
N GLN A 635 -28.32 1.70 23.59
CA GLN A 635 -27.61 2.27 22.46
C GLN A 635 -27.22 1.22 21.42
N MET A 636 -27.12 -0.03 21.86
CA MET A 636 -26.68 -1.09 20.98
C MET A 636 -27.87 -1.93 20.51
N SER A 637 -27.90 -2.26 19.22
CA SER A 637 -28.89 -3.19 18.68
C SER A 637 -28.16 -4.40 18.10
N TYR A 638 -28.78 -5.12 17.17
CA TYR A 638 -28.09 -6.28 16.62
C TYR A 638 -28.41 -6.48 15.15
N GLY A 639 -27.52 -7.20 14.47
CA GLY A 639 -27.76 -7.58 13.09
C GLY A 639 -27.42 -9.04 12.88
N PHE A 640 -27.49 -9.48 11.64
CA PHE A 640 -27.14 -10.85 11.29
C PHE A 640 -26.11 -10.88 10.17
N LEU A 641 -25.19 -11.85 10.23
CA LEU A 641 -24.15 -11.98 9.21
C LEU A 641 -24.70 -12.56 7.91
N PHE A 642 -25.44 -13.66 7.97
CA PHE A 642 -26.21 -14.07 6.80
C PHE A 642 -27.54 -13.35 6.84
N PRO A 643 -27.87 -12.62 5.76
CA PRO A 643 -29.09 -11.80 5.69
C PRO A 643 -30.37 -12.63 5.49
N PRO A 644 -31.34 -12.47 6.40
CA PRO A 644 -32.67 -13.09 6.20
C PRO A 644 -33.30 -12.73 4.86
N TYR A 645 -32.94 -11.59 4.28
CA TYR A 645 -33.50 -11.15 3.01
C TYR A 645 -33.16 -12.06 1.84
N LEU A 646 -32.14 -12.90 1.99
CA LEU A 646 -31.69 -13.72 0.86
C LEU A 646 -31.86 -15.22 1.12
N SER A 647 -32.66 -15.57 2.12
CA SER A 647 -33.01 -16.96 2.37
C SER A 647 -33.65 -17.59 1.15
N SER A 648 -33.35 -18.87 0.91
CA SER A 648 -33.84 -19.59 -0.28
C SER A 648 -35.31 -20.01 -0.17
N SER A 649 -35.84 -20.04 1.05
CA SER A 649 -37.21 -20.45 1.27
C SER A 649 -37.65 -19.90 2.60
N PRO A 650 -38.98 -19.79 2.83
CA PRO A 650 -39.49 -19.40 4.14
C PRO A 650 -39.03 -20.32 5.26
N GLU A 651 -38.89 -21.62 4.99
CA GLU A 651 -38.39 -22.54 6.00
C GLU A 651 -36.93 -22.22 6.33
N ALA A 652 -36.10 -22.14 5.29
CA ALA A 652 -34.68 -21.85 5.45
C ALA A 652 -34.45 -20.53 6.18
N LYS A 653 -35.36 -19.57 5.96
CA LYS A 653 -35.25 -18.24 6.54
C LYS A 653 -35.12 -18.24 8.06
N TYR A 654 -35.67 -19.28 8.70
CA TYR A 654 -35.59 -19.40 10.15
C TYR A 654 -34.15 -19.59 10.62
N ASP A 655 -33.32 -20.17 9.75
CA ASP A 655 -31.90 -20.34 10.05
C ASP A 655 -31.20 -18.99 10.23
N ALA A 656 -31.64 -17.99 9.47
CA ALA A 656 -31.01 -16.67 9.52
C ALA A 656 -31.20 -16.01 10.88
N PHE A 657 -32.16 -16.49 11.66
CA PHE A 657 -32.48 -15.88 12.95
C PHE A 657 -31.84 -16.61 14.12
N LEU A 658 -30.99 -17.59 13.82
CA LEU A 658 -30.26 -18.26 14.89
C LEU A 658 -29.38 -17.28 15.64
N VAL A 659 -29.31 -17.46 16.95
CA VAL A 659 -28.52 -16.62 17.84
C VAL A 659 -27.03 -16.68 17.47
N THR A 660 -26.66 -17.70 16.71
CA THR A 660 -25.27 -17.89 16.30
C THR A 660 -24.96 -17.21 14.97
N ASN A 661 -25.93 -16.45 14.46
CA ASN A 661 -25.79 -15.67 13.25
C ASN A 661 -25.88 -14.20 13.63
N MET A 662 -26.06 -13.95 14.93
CA MET A 662 -26.31 -12.62 15.45
C MET A 662 -25.03 -11.86 15.80
N VAL A 663 -25.00 -10.56 15.50
CA VAL A 663 -23.88 -9.72 15.88
C VAL A 663 -24.33 -8.35 16.39
N PRO A 664 -23.58 -7.76 17.33
CA PRO A 664 -23.98 -6.47 17.88
C PRO A 664 -23.71 -5.32 16.90
N MET A 665 -24.73 -4.53 16.64
CA MET A 665 -24.61 -3.42 15.72
C MET A 665 -25.35 -2.20 16.24
N TYR A 666 -24.69 -1.05 16.22
CA TYR A 666 -25.35 0.21 16.48
C TYR A 666 -26.42 0.44 15.42
N PRO A 667 -27.53 1.08 15.80
CA PRO A 667 -28.57 1.50 14.84
C PRO A 667 -27.99 2.28 13.64
N ALA A 668 -27.04 3.17 13.91
CA ALA A 668 -26.39 3.91 12.81
C ALA A 668 -25.75 2.96 11.81
N PHE A 669 -25.01 1.98 12.32
CA PHE A 669 -24.37 1.02 11.45
C PHE A 669 -25.38 0.14 10.72
N LYS A 670 -26.47 -0.20 11.40
CA LYS A 670 -27.51 -1.01 10.80
C LYS A 670 -28.09 -0.39 9.53
N ARG A 671 -28.13 0.94 9.46
CA ARG A 671 -28.63 1.60 8.25
C ARG A 671 -27.76 1.22 7.06
N VAL A 672 -26.47 1.08 7.30
CA VAL A 672 -25.51 0.69 6.27
C VAL A 672 -25.64 -0.79 6.01
N TRP A 673 -25.54 -1.58 7.07
CA TRP A 673 -25.49 -3.03 6.94
C TRP A 673 -26.75 -3.59 6.25
N THR A 674 -27.93 -3.16 6.68
CA THR A 674 -29.15 -3.66 6.07
C THR A 674 -29.22 -3.28 4.61
N TYR A 675 -28.74 -2.08 4.27
CA TYR A 675 -28.75 -1.65 2.89
C TYR A 675 -27.82 -2.51 2.04
N PHE A 676 -26.65 -2.84 2.60
CA PHE A 676 -25.70 -3.74 1.94
C PHE A 676 -26.34 -5.11 1.72
N GLN A 677 -26.92 -5.66 2.79
CA GLN A 677 -27.48 -7.01 2.76
C GLN A 677 -28.69 -7.10 1.85
N ARG A 678 -29.58 -6.13 1.96
CA ARG A 678 -30.88 -6.20 1.32
C ARG A 678 -30.84 -5.77 -0.15
N VAL A 679 -29.99 -4.80 -0.48
CA VAL A 679 -29.93 -4.25 -1.83
C VAL A 679 -28.64 -4.55 -2.60
N LEU A 680 -27.48 -4.35 -1.98
CA LEU A 680 -26.20 -4.40 -2.71
C LEU A 680 -25.71 -5.80 -3.08
N VAL A 681 -25.83 -6.76 -2.16
CA VAL A 681 -25.38 -8.10 -2.45
C VAL A 681 -26.09 -8.66 -3.69
N LYS A 682 -27.39 -8.42 -3.77
CA LYS A 682 -28.17 -8.87 -4.91
C LYS A 682 -27.72 -8.16 -6.16
N LYS A 683 -27.46 -6.86 -6.02
CA LYS A 683 -26.97 -6.08 -7.14
C LYS A 683 -25.62 -6.65 -7.62
N TYR A 684 -24.73 -6.97 -6.68
CA TYR A 684 -23.44 -7.54 -7.06
C TYR A 684 -23.62 -8.89 -7.77
N ALA A 685 -24.53 -9.72 -7.25
CA ALA A 685 -24.81 -11.03 -7.85
C ALA A 685 -25.31 -10.90 -9.28
N SER A 686 -26.20 -9.94 -9.49
CA SER A 686 -26.71 -9.67 -10.83
C SER A 686 -25.60 -9.25 -11.77
N GLU A 687 -24.72 -8.38 -11.29
CA GLU A 687 -23.68 -7.77 -12.12
C GLU A 687 -22.50 -8.68 -12.39
N ARG A 688 -22.22 -9.61 -11.48
CA ARG A 688 -21.02 -10.42 -11.58
C ARG A 688 -21.33 -11.90 -11.87
N ASN A 689 -22.59 -12.18 -12.20
CA ASN A 689 -23.08 -13.55 -12.44
C ASN A 689 -22.93 -14.42 -11.20
N GLY A 690 -23.59 -14.01 -10.12
CA GLY A 690 -23.45 -14.68 -8.85
C GLY A 690 -22.28 -14.16 -8.05
N VAL A 691 -22.36 -14.27 -6.72
CA VAL A 691 -21.24 -13.95 -5.84
C VAL A 691 -21.18 -14.86 -4.63
N ASN A 692 -19.95 -15.16 -4.23
CA ASN A 692 -19.69 -15.73 -2.92
C ASN A 692 -19.30 -14.64 -1.95
N VAL A 693 -19.91 -14.67 -0.76
CA VAL A 693 -19.70 -13.64 0.24
C VAL A 693 -19.17 -14.25 1.51
N ILE A 694 -18.14 -13.64 2.07
CA ILE A 694 -17.67 -14.00 3.40
C ILE A 694 -17.64 -12.76 4.25
N SER A 695 -18.47 -12.74 5.29
CA SER A 695 -18.56 -11.59 6.18
C SER A 695 -18.18 -11.98 7.60
N GLY A 696 -17.81 -10.99 8.40
CA GLY A 696 -17.43 -11.25 9.77
C GLY A 696 -17.08 -10.00 10.52
N PRO A 697 -16.78 -10.15 11.81
CA PRO A 697 -16.40 -9.06 12.70
C PRO A 697 -14.89 -8.90 12.75
N ILE A 698 -14.45 -7.69 13.10
CA ILE A 698 -13.04 -7.39 13.30
C ILE A 698 -12.88 -6.63 14.60
N PHE A 699 -11.88 -6.99 15.39
CA PHE A 699 -11.58 -6.26 16.62
C PHE A 699 -10.19 -5.64 16.55
N ASP A 700 -10.13 -4.31 16.49
CA ASP A 700 -8.85 -3.62 16.45
C ASP A 700 -8.92 -2.37 17.30
N TYR A 701 -9.04 -2.56 18.61
CA TYR A 701 -9.20 -1.46 19.55
C TYR A 701 -7.96 -0.59 19.67
N ASN A 702 -6.78 -1.18 19.48
CA ASN A 702 -5.53 -0.43 19.52
C ASN A 702 -5.03 0.08 18.16
N TYR A 703 -5.90 0.02 17.16
CA TYR A 703 -5.61 0.53 15.82
C TYR A 703 -4.22 0.19 15.27
N ASN A 704 -3.76 -1.05 15.44
CA ASN A 704 -2.49 -1.48 14.88
C ASN A 704 -2.65 -2.30 13.59
N GLY A 705 -3.89 -2.47 13.16
CA GLY A 705 -4.17 -3.22 11.94
C GLY A 705 -4.04 -4.71 12.13
N LEU A 706 -3.99 -5.15 13.38
CA LEU A 706 -3.83 -6.57 13.69
C LEU A 706 -4.94 -7.06 14.62
N ARG A 707 -5.39 -8.30 14.39
CA ARG A 707 -6.35 -8.97 15.28
C ARG A 707 -6.07 -8.70 16.76
N ASP A 708 -7.05 -8.17 17.49
CA ASP A 708 -6.89 -7.96 18.93
C ASP A 708 -6.89 -9.32 19.67
N ILE A 709 -6.03 -9.45 20.67
CA ILE A 709 -6.18 -10.55 21.63
C ILE A 709 -7.27 -10.16 22.62
N GLU A 710 -7.76 -11.13 23.38
CA GLU A 710 -8.88 -10.91 24.29
C GLU A 710 -8.77 -9.67 25.17
N ASP A 711 -7.57 -9.47 25.70
CA ASP A 711 -7.32 -8.41 26.66
C ASP A 711 -7.42 -7.03 26.03
N GLU A 712 -7.33 -6.96 24.70
CA GLU A 712 -7.30 -5.68 24.01
C GLU A 712 -8.68 -5.14 23.63
N ILE A 713 -9.71 -5.98 23.77
CA ILE A 713 -11.07 -5.56 23.46
C ILE A 713 -11.57 -4.66 24.60
N LYS A 714 -12.24 -3.56 24.24
CA LYS A 714 -12.54 -2.55 25.24
C LYS A 714 -14.03 -2.27 25.44
N GLN A 715 -14.86 -2.88 24.60
CA GLN A 715 -16.30 -2.61 24.66
C GLN A 715 -17.16 -3.88 24.53
N TYR A 716 -18.16 -4.00 25.39
CA TYR A 716 -19.08 -5.14 25.40
C TYR A 716 -20.52 -4.67 25.37
N VAL A 717 -21.44 -5.53 24.94
CA VAL A 717 -22.86 -5.19 25.05
C VAL A 717 -23.18 -5.03 26.54
N GLU A 718 -24.03 -4.08 26.89
CA GLU A 718 -24.27 -3.69 28.28
C GLU A 718 -24.54 -4.89 29.19
N GLY A 719 -23.80 -4.97 30.30
CA GLY A 719 -24.01 -6.00 31.30
C GLY A 719 -23.79 -7.41 30.81
N SER A 720 -22.98 -7.56 29.77
CA SER A 720 -22.71 -8.88 29.22
C SER A 720 -21.24 -9.05 28.91
N SER A 721 -20.89 -10.19 28.33
CA SER A 721 -19.52 -10.44 27.92
C SER A 721 -19.43 -10.54 26.39
N ILE A 722 -20.47 -10.07 25.70
CA ILE A 722 -20.48 -10.07 24.24
C ILE A 722 -19.62 -8.90 23.72
N PRO A 723 -18.45 -9.22 23.11
CA PRO A 723 -17.52 -8.17 22.66
C PRO A 723 -18.06 -7.39 21.46
N VAL A 724 -17.77 -6.09 21.40
CA VAL A 724 -18.25 -5.24 20.30
C VAL A 724 -17.15 -5.02 19.26
N PRO A 725 -17.38 -5.47 18.01
CA PRO A 725 -16.41 -5.28 16.92
C PRO A 725 -16.19 -3.80 16.56
N THR A 726 -14.95 -3.46 16.22
CA THR A 726 -14.62 -2.11 15.76
C THR A 726 -14.97 -1.92 14.28
N HIS A 727 -15.03 -3.04 13.56
CA HIS A 727 -15.32 -3.05 12.13
C HIS A 727 -16.06 -4.34 11.72
N TYR A 728 -16.67 -4.32 10.54
CA TYR A 728 -17.23 -5.53 9.95
C TYR A 728 -16.71 -5.67 8.55
N TYR A 729 -16.23 -6.86 8.21
CA TYR A 729 -15.70 -7.07 6.87
C TYR A 729 -16.63 -7.86 5.99
N SER A 730 -16.42 -7.72 4.69
CA SER A 730 -17.08 -8.57 3.72
C SER A 730 -16.11 -8.80 2.55
N ILE A 731 -15.99 -10.05 2.13
CA ILE A 731 -15.18 -10.40 0.98
C ILE A 731 -16.12 -10.97 -0.08
N ILE A 732 -16.12 -10.35 -1.26
CA ILE A 732 -17.04 -10.68 -2.31
C ILE A 732 -16.28 -11.23 -3.52
N THR A 733 -16.44 -12.53 -3.79
CA THR A 733 -15.70 -13.20 -4.86
C THR A 733 -16.61 -13.70 -5.98
N SER A 734 -16.11 -13.65 -7.21
CA SER A 734 -16.83 -14.22 -8.34
C SER A 734 -15.79 -14.70 -9.35
N CYS A 735 -16.27 -15.16 -10.50
CA CYS A 735 -15.37 -15.67 -11.52
C CYS A 735 -14.89 -14.50 -12.35
N LEU A 736 -13.58 -14.42 -12.59
CA LEU A 736 -13.05 -13.35 -13.43
C LEU A 736 -13.72 -13.42 -14.80
N ASP A 737 -13.87 -14.63 -15.31
CA ASP A 737 -14.66 -14.86 -16.50
C ASP A 737 -16.13 -14.78 -16.09
N PHE A 738 -16.71 -13.59 -16.26
CA PHE A 738 -18.07 -13.35 -15.79
C PHE A 738 -19.15 -14.13 -16.54
N THR A 739 -18.76 -14.86 -17.58
CA THR A 739 -19.76 -15.66 -18.29
C THR A 739 -20.05 -16.94 -17.52
N GLN A 740 -19.13 -17.30 -16.62
CA GLN A 740 -19.34 -18.45 -15.76
C GLN A 740 -19.88 -18.00 -14.41
N PRO A 741 -20.83 -18.77 -13.86
CA PRO A 741 -21.41 -18.47 -12.55
C PRO A 741 -20.34 -18.61 -11.48
N ALA A 742 -20.49 -17.89 -10.38
CA ALA A 742 -19.48 -17.89 -9.34
C ALA A 742 -19.19 -19.29 -8.79
N ASP A 743 -20.21 -20.15 -8.75
CA ASP A 743 -20.05 -21.46 -8.14
C ASP A 743 -19.49 -22.53 -9.08
N LYS A 744 -19.37 -22.20 -10.37
CA LYS A 744 -18.81 -23.12 -11.36
C LYS A 744 -17.62 -22.51 -12.10
N CYS A 745 -16.79 -21.76 -11.40
CA CYS A 745 -15.69 -21.05 -12.06
C CYS A 745 -14.50 -21.96 -12.35
N ASP A 746 -14.03 -21.94 -13.58
CA ASP A 746 -12.90 -22.78 -13.99
C ASP A 746 -11.56 -22.17 -13.64
N GLY A 747 -11.43 -20.86 -13.84
CA GLY A 747 -10.14 -20.22 -13.77
C GLY A 747 -9.97 -19.18 -12.68
N PRO A 748 -9.31 -18.06 -13.03
CA PRO A 748 -8.97 -16.96 -12.13
C PRO A 748 -10.20 -16.34 -11.49
N LEU A 749 -10.01 -15.79 -10.29
CA LEU A 749 -11.09 -15.23 -9.50
C LEU A 749 -11.09 -13.72 -9.58
N SER A 750 -12.21 -13.12 -9.19
CA SER A 750 -12.33 -11.67 -9.10
C SER A 750 -12.84 -11.36 -7.70
N VAL A 751 -12.20 -10.41 -7.02
CA VAL A 751 -12.57 -10.11 -5.63
C VAL A 751 -12.70 -8.61 -5.36
N SER A 752 -13.63 -8.26 -4.48
CA SER A 752 -13.68 -6.92 -3.91
C SER A 752 -14.08 -7.10 -2.45
N SER A 753 -13.57 -6.22 -1.59
CA SER A 753 -13.78 -6.35 -0.15
C SER A 753 -13.91 -5.00 0.51
N PHE A 754 -14.43 -4.99 1.73
CA PHE A 754 -14.51 -3.77 2.53
C PHE A 754 -14.28 -4.11 4.00
N ILE A 755 -13.85 -3.09 4.74
CA ILE A 755 -13.81 -3.14 6.20
C ILE A 755 -14.53 -1.89 6.69
N LEU A 756 -15.80 -2.06 7.07
CA LEU A 756 -16.63 -0.91 7.43
C LEU A 756 -16.51 -0.59 8.91
N PRO A 757 -16.31 0.69 9.23
CA PRO A 757 -16.16 1.07 10.64
C PRO A 757 -17.47 0.92 11.39
N HIS A 758 -17.41 0.27 12.55
CA HIS A 758 -18.59 0.09 13.36
C HIS A 758 -18.76 1.28 14.30
N ARG A 759 -19.54 2.26 13.88
CA ARG A 759 -19.63 3.51 14.64
C ARG A 759 -21.05 3.84 15.08
N PRO A 760 -21.18 4.58 16.19
CA PRO A 760 -22.50 4.88 16.76
C PRO A 760 -23.25 6.00 16.03
N ASP A 761 -22.59 6.70 15.11
CA ASP A 761 -23.28 7.72 14.32
C ASP A 761 -22.80 7.64 12.89
N ASN A 762 -23.51 8.32 11.98
CA ASN A 762 -23.05 8.44 10.61
C ASN A 762 -22.46 9.83 10.30
N ASP A 763 -21.73 10.40 11.27
CA ASP A 763 -21.16 11.72 11.08
C ASP A 763 -20.20 11.79 9.90
N GLU A 764 -19.60 10.65 9.57
CA GLU A 764 -18.68 10.55 8.45
C GLU A 764 -19.40 10.83 7.13
N SER A 765 -20.69 10.49 7.06
CA SER A 765 -21.47 10.64 5.82
C SER A 765 -22.32 11.92 5.89
N CYS A 766 -21.89 12.97 5.20
CA CYS A 766 -22.58 14.27 5.31
C CYS A 766 -24.01 14.23 4.78
N ASN A 767 -24.34 13.23 3.97
CA ASN A 767 -25.68 13.09 3.41
C ASN A 767 -26.51 11.98 4.03
N SER A 768 -26.18 11.56 5.25
CA SER A 768 -26.85 10.42 5.86
C SER A 768 -28.30 10.69 6.28
N SER A 769 -28.72 11.95 6.28
CA SER A 769 -30.11 12.24 6.65
C SER A 769 -31.02 11.72 5.55
N GLU A 770 -30.47 11.56 4.35
CA GLU A 770 -31.22 11.12 3.19
C GLU A 770 -31.38 9.61 3.12
N ASP A 771 -32.09 9.12 2.11
CA ASP A 771 -32.24 7.68 1.92
C ASP A 771 -30.87 7.04 1.71
N GLU A 772 -30.74 5.79 2.11
CA GLU A 772 -29.47 5.06 2.00
C GLU A 772 -28.94 4.94 0.57
N SER A 773 -29.84 4.94 -0.40
CA SER A 773 -29.44 4.99 -1.80
C SER A 773 -28.60 6.22 -2.14
N LYS A 774 -28.60 7.22 -1.28
CA LYS A 774 -27.89 8.46 -1.60
C LYS A 774 -26.54 8.59 -0.92
N TRP A 775 -26.15 7.62 -0.11
CA TRP A 775 -24.90 7.79 0.66
C TRP A 775 -24.14 6.53 1.10
N VAL A 776 -24.80 5.37 1.13
CA VAL A 776 -24.13 4.19 1.64
C VAL A 776 -23.02 3.65 0.74
N GLU A 777 -23.27 3.58 -0.57
CA GLU A 777 -22.22 3.10 -1.46
C GLU A 777 -20.99 4.02 -1.45
N GLU A 778 -21.21 5.31 -1.26
CA GLU A 778 -20.11 6.27 -1.19
C GLU A 778 -19.25 5.97 0.04
N LEU A 779 -19.90 5.72 1.17
CA LEU A 779 -19.18 5.31 2.37
C LEU A 779 -18.40 4.02 2.16
N MET A 780 -19.04 3.02 1.55
CA MET A 780 -18.36 1.74 1.37
C MET A 780 -17.16 1.85 0.45
N LYS A 781 -17.27 2.66 -0.59
CA LYS A 781 -16.18 2.84 -1.54
C LYS A 781 -14.92 3.38 -0.87
N MET A 782 -15.13 4.25 0.11
CA MET A 782 -14.03 4.86 0.87
C MET A 782 -13.35 3.81 1.77
N HIS A 783 -14.10 2.79 2.14
CA HIS A 783 -13.58 1.78 3.06
C HIS A 783 -13.31 0.42 2.39
N THR A 784 -13.06 0.46 1.08
CA THR A 784 -12.62 -0.70 0.32
C THR A 784 -11.31 -1.22 0.92
N ALA A 785 -11.02 -2.51 0.73
CA ALA A 785 -9.89 -3.13 1.39
C ALA A 785 -9.35 -4.35 0.60
N ARG A 786 -8.13 -4.77 0.92
CA ARG A 786 -7.56 -5.99 0.37
C ARG A 786 -7.98 -7.14 1.29
N VAL A 787 -8.10 -8.35 0.76
CA VAL A 787 -8.37 -9.51 1.58
C VAL A 787 -7.25 -9.67 2.60
N ARG A 788 -6.04 -9.35 2.15
CA ARG A 788 -4.86 -9.38 3.01
C ARG A 788 -5.02 -8.47 4.23
N ASP A 789 -5.65 -7.30 4.07
CA ASP A 789 -5.91 -6.41 5.20
C ASP A 789 -6.80 -7.15 6.22
N ILE A 790 -7.83 -7.81 5.71
CA ILE A 790 -8.77 -8.54 6.56
C ILE A 790 -8.05 -9.70 7.25
N GLU A 791 -7.14 -10.36 6.54
CA GLU A 791 -6.38 -11.44 7.16
C GLU A 791 -5.55 -10.97 8.37
N HIS A 792 -4.86 -9.83 8.23
CA HIS A 792 -4.13 -9.25 9.37
C HIS A 792 -5.06 -8.97 10.54
N LEU A 793 -6.27 -8.48 10.24
CA LEU A 793 -7.19 -8.02 11.27
C LEU A 793 -7.98 -9.16 11.92
N THR A 794 -7.92 -10.35 11.33
CA THR A 794 -8.78 -11.45 11.79
C THR A 794 -8.02 -12.70 12.22
N GLY A 795 -6.78 -12.84 11.78
CA GLY A 795 -6.01 -14.04 12.03
C GLY A 795 -6.55 -15.21 11.23
N LEU A 796 -7.28 -14.91 10.16
CA LEU A 796 -7.76 -15.93 9.25
C LEU A 796 -6.89 -15.97 7.99
N ASP A 797 -6.91 -17.11 7.30
CA ASP A 797 -6.22 -17.29 6.01
C ASP A 797 -7.21 -17.82 4.97
N PHE A 798 -7.47 -17.03 3.92
CA PHE A 798 -8.51 -17.36 2.93
C PHE A 798 -8.03 -18.05 1.65
N TYR A 799 -8.96 -18.63 0.91
CA TYR A 799 -8.67 -19.23 -0.41
C TYR A 799 -7.62 -20.35 -0.36
N ARG A 800 -7.65 -21.17 0.68
CA ARG A 800 -6.70 -22.27 0.79
C ARG A 800 -7.01 -23.42 -0.19
N LYS A 801 -8.26 -23.54 -0.62
CA LYS A 801 -8.65 -24.63 -1.53
C LYS A 801 -9.14 -24.13 -2.88
N THR A 802 -8.22 -23.88 -3.80
CA THR A 802 -8.61 -23.46 -5.16
C THR A 802 -7.84 -24.24 -6.22
N SER A 803 -8.25 -24.08 -7.48
CA SER A 803 -7.56 -24.69 -8.60
C SER A 803 -6.41 -23.82 -9.11
N ARG A 804 -6.04 -22.80 -8.34
CA ARG A 804 -5.04 -21.83 -8.79
C ARG A 804 -3.73 -21.98 -8.01
N SER A 805 -2.65 -21.45 -8.56
CA SER A 805 -1.36 -21.48 -7.88
C SER A 805 -1.39 -20.61 -6.64
N TYR A 806 -0.54 -20.91 -5.67
CA TYR A 806 -0.53 -20.15 -4.44
C TYR A 806 -0.07 -18.71 -4.68
N SER A 807 0.87 -18.53 -5.61
CA SER A 807 1.35 -17.19 -5.99
C SER A 807 0.23 -16.34 -6.57
N GLU A 808 -0.59 -16.97 -7.42
CA GLU A 808 -1.68 -16.26 -8.05
C GLU A 808 -2.69 -15.82 -7.00
N ILE A 809 -2.91 -16.68 -6.01
CA ILE A 809 -3.84 -16.39 -4.92
C ILE A 809 -3.32 -15.22 -4.07
N LEU A 810 -2.01 -15.21 -3.82
CA LEU A 810 -1.38 -14.12 -3.10
C LEU A 810 -1.60 -12.79 -3.82
N THR A 811 -1.50 -12.82 -5.15
CA THR A 811 -1.81 -11.66 -5.97
C THR A 811 -3.27 -11.23 -5.76
N LEU A 812 -4.17 -12.19 -5.77
CA LEU A 812 -5.59 -11.94 -5.54
C LEU A 812 -5.82 -11.27 -4.17
N LYS A 813 -5.13 -11.74 -3.15
CA LYS A 813 -5.34 -11.23 -1.80
C LYS A 813 -4.82 -9.79 -1.59
N THR A 814 -3.89 -9.36 -2.43
CA THR A 814 -3.35 -8.00 -2.31
C THR A 814 -4.07 -7.00 -3.20
N TYR A 815 -4.97 -7.51 -4.03
CA TYR A 815 -5.79 -6.65 -4.88
C TYR A 815 -6.64 -5.68 -4.08
N LEU A 816 -6.72 -4.44 -4.54
CA LEU A 816 -7.63 -3.45 -3.94
C LEU A 816 -8.58 -2.92 -5.02
N HIS A 817 -9.88 -3.07 -4.84
CA HIS A 817 -10.81 -2.50 -5.79
C HIS A 817 -11.00 -1.03 -5.42
N THR A 818 -10.60 -0.11 -6.32
CA THR A 818 -10.49 1.30 -5.94
C THR A 818 -11.64 2.20 -6.35
N TYR A 819 -12.46 1.75 -7.32
CA TYR A 819 -13.63 2.50 -7.77
C TYR A 819 -13.30 3.81 -8.49
N GLU A 820 -12.07 3.93 -8.96
CA GLU A 820 -11.63 5.11 -9.70
C GLU A 820 -11.71 4.87 -11.21
C1 NAG B . 44.62 17.80 9.20
C2 NAG B . 45.56 17.32 10.30
C3 NAG B . 47.02 17.62 9.97
C4 NAG B . 47.38 17.15 8.56
C5 NAG B . 46.34 17.54 7.52
C6 NAG B . 46.56 16.71 6.26
C7 NAG B . 44.76 17.22 12.61
C8 NAG B . 45.19 15.79 12.68
N2 NAG B . 45.19 17.94 11.57
O3 NAG B . 47.86 16.96 10.91
O4 NAG B . 48.63 17.72 8.18
O5 NAG B . 45.00 17.30 7.94
O6 NAG B . 46.36 15.35 6.54
O7 NAG B . 44.05 17.71 13.50
C1 NAG B . 49.69 16.76 8.32
C2 NAG B . 50.85 17.15 7.39
C3 NAG B . 52.16 16.42 7.68
C4 NAG B . 52.41 16.21 9.16
C5 NAG B . 51.15 15.68 9.84
C6 NAG B . 51.36 15.49 11.34
C7 NAG B . 50.06 17.87 5.20
C8 NAG B . 50.04 17.52 3.74
N2 NAG B . 50.45 16.89 6.02
O3 NAG B . 53.24 17.13 7.11
O4 NAG B . 53.46 15.28 9.34
O5 NAG B . 50.11 16.61 9.66
O6 NAG B . 51.40 16.75 11.96
O7 NAG B . 49.71 18.98 5.58
C1 NAG C . 3.88 -4.45 8.95
C2 NAG C . 2.86 -4.92 9.99
C3 NAG C . 3.42 -4.65 11.40
C4 NAG C . 4.86 -5.14 11.56
C5 NAG C . 5.74 -4.85 10.33
C6 NAG C . 7.08 -5.60 10.33
C7 NAG C . 0.49 -4.92 9.46
C8 NAG C . -0.80 -4.14 9.53
N2 NAG C . 1.59 -4.26 9.81
O3 NAG C . 2.53 -5.17 12.35
O4 NAG C . 5.41 -4.44 12.65
O5 NAG C . 5.06 -5.20 9.13
O6 NAG C . 6.88 -6.99 10.41
O7 NAG C . 0.48 -6.11 9.12
C1 NAG C . 5.87 -5.32 13.69
C2 NAG C . 6.94 -4.57 14.49
C3 NAG C . 7.38 -5.33 15.75
C4 NAG C . 6.19 -5.95 16.47
C5 NAG C . 5.25 -6.63 15.50
C6 NAG C . 4.03 -7.22 16.20
C7 NAG C . 8.22 -3.04 13.11
C8 NAG C . 9.50 -2.73 12.40
N2 NAG C . 8.08 -4.26 13.64
O3 NAG C . 8.09 -4.44 16.58
O4 NAG C . 6.63 -6.95 17.35
O5 NAG C . 4.82 -5.71 14.53
O6 NAG C . 3.36 -6.19 16.92
O7 NAG C . 7.33 -2.20 13.16
C1 BMA C . 6.95 -6.41 18.65
C2 BMA C . 6.56 -7.45 19.68
C3 BMA C . 6.93 -6.99 21.09
C4 BMA C . 8.34 -6.43 21.14
C5 BMA C . 8.59 -5.47 19.97
C6 BMA C . 10.04 -4.95 19.94
O2 BMA C . 7.28 -8.62 19.38
O3 BMA C . 6.80 -8.09 21.98
O4 BMA C . 8.50 -5.77 22.38
O5 BMA C . 8.33 -6.17 18.78
O6 BMA C . 10.39 -4.57 18.62
C1 MAN C . 11.61 -3.79 18.61
C2 MAN C . 11.39 -2.40 17.99
C3 MAN C . 11.08 -2.48 16.49
C4 MAN C . 12.11 -3.37 15.80
C5 MAN C . 12.30 -4.70 16.55
C6 MAN C . 13.35 -5.57 15.85
O2 MAN C . 12.55 -1.60 18.17
O3 MAN C . 11.04 -1.19 15.86
O4 MAN C . 11.73 -3.67 14.48
O5 MAN C . 12.64 -4.46 17.90
O6 MAN C . 14.61 -4.90 15.79
C1 MAN C . 9.85 -0.45 16.23
C2 MAN C . 9.32 0.44 15.10
C3 MAN C . 10.35 1.52 14.76
C4 MAN C . 10.77 2.27 16.02
C5 MAN C . 11.11 1.32 17.17
C6 MAN C . 11.27 2.09 18.48
O2 MAN C . 8.14 1.10 15.53
O3 MAN C . 9.82 2.49 13.89
O4 MAN C . 11.87 3.10 15.69
O5 MAN C . 10.07 0.38 17.35
O6 MAN C . 11.60 3.44 18.24
C1 MAN C . 6.95 0.48 15.03
C2 MAN C . 5.85 1.53 14.97
C3 MAN C . 5.60 2.04 16.38
C4 MAN C . 5.22 0.86 17.27
C5 MAN C . 6.26 -0.25 17.18
C6 MAN C . 5.82 -1.50 17.93
O2 MAN C . 4.67 0.99 14.44
O3 MAN C . 4.57 3.00 16.38
O4 MAN C . 5.10 1.31 18.61
O5 MAN C . 6.49 -0.60 15.82
O6 MAN C . 6.93 -2.36 18.12
C1 MAN C . 5.40 -8.33 22.23
C2 MAN C . 5.07 -7.92 23.65
C3 MAN C . 5.92 -8.74 24.62
C4 MAN C . 5.66 -10.22 24.33
C5 MAN C . 5.80 -10.54 22.84
C6 MAN C . 5.39 -11.98 22.52
O2 MAN C . 3.72 -8.14 23.94
O3 MAN C . 5.61 -8.42 25.96
O4 MAN C . 6.55 -11.01 25.09
O5 MAN C . 5.04 -9.67 22.06
O6 MAN C . 6.51 -12.84 22.59
C1 NAG D . -17.42 26.47 16.76
C2 NAG D . -16.39 27.26 17.57
C3 NAG D . -17.06 28.32 18.46
C4 NAG D . -18.00 29.19 17.64
C5 NAG D . -18.88 28.35 16.72
C6 NAG D . -19.58 29.24 15.71
C7 NAG D . -14.28 26.20 18.16
C8 NAG D . -13.55 25.20 19.01
N2 NAG D . -15.58 26.36 18.39
O3 NAG D . -16.08 29.13 19.04
O4 NAG D . -18.84 29.89 18.53
O5 NAG D . -18.16 27.39 15.98
O6 NAG D . -20.50 28.41 15.05
O7 NAG D . -13.69 26.82 17.29
C1 NAG D . -18.48 31.27 18.66
C2 NAG D . -19.76 32.07 18.90
C3 NAG D . -19.51 33.51 19.31
C4 NAG D . -18.57 33.52 20.50
C5 NAG D . -17.28 32.80 20.12
C6 NAG D . -16.30 32.75 21.28
C7 NAG D . -21.75 31.31 17.76
C8 NAG D . -22.71 31.52 16.63
N2 NAG D . -20.62 32.00 17.72
O3 NAG D . -20.71 34.13 19.68
O4 NAG D . -18.32 34.85 20.86
O5 NAG D . -17.55 31.46 19.71
O6 NAG D . -16.40 31.50 21.96
O7 NAG D . -22.00 30.52 18.68
ZN ZN E . 8.31 13.14 -4.13
ZN ZN F . 6.63 17.28 -4.43
CA CA G . -5.22 -4.76 17.24
NA NA H . -24.23 12.25 8.91
K K I . -31.08 -2.08 22.28
S SCN J . 5.30 18.95 12.05
C SCN J . 5.52 20.72 11.77
N SCN J . 5.65 21.89 11.61
S SCN K . 3.64 16.30 6.40
C SCN K . 3.29 15.27 5.01
N SCN K . 3.19 14.46 4.16
C1 EDO L . -0.62 -14.67 3.15
O1 EDO L . -1.90 -14.24 2.68
C2 EDO L . -0.78 -16.06 3.74
O2 EDO L . -1.62 -16.84 2.86
C1 EDO M . 13.81 -7.36 -20.33
O1 EDO M . 12.86 -7.62 -19.28
C2 EDO M . 13.57 -8.23 -21.58
O2 EDO M . 13.86 -9.62 -21.38
C1 EDO N . -28.45 -8.02 9.09
O1 EDO N . -29.04 -6.97 9.84
C2 EDO N . -29.50 -8.71 8.24
O2 EDO N . -29.79 -7.87 7.13
C1 EDO O . -10.72 -10.95 18.30
O1 EDO O . -9.76 -10.11 17.64
C2 EDO O . -11.09 -12.13 17.40
O2 EDO O . -9.95 -12.96 17.22
C1 EDO P . 0.12 0.60 -22.04
O1 EDO P . 0.20 -0.71 -21.45
C2 EDO P . 0.44 0.52 -23.53
O2 EDO P . -0.32 -0.51 -24.15
C1 EDO Q . -16.21 0.00 18.69
O1 EDO Q . -16.43 0.42 20.03
C2 EDO Q . -17.58 0.01 18.01
O2 EDO Q . -18.00 1.38 17.87
C1 EDO R . -12.60 14.62 1.31
O1 EDO R . -12.61 14.20 -0.06
C2 EDO R . -13.01 13.42 2.16
O2 EDO R . -12.31 12.26 1.69
C1 EDO S . 9.67 -11.93 5.37
O1 EDO S . 9.85 -12.16 6.77
C2 EDO S . 9.22 -10.49 5.15
O2 EDO S . 7.99 -10.21 5.86
C1 EDO T . -14.09 -12.67 24.76
O1 EDO T . -13.33 -11.64 25.42
C2 EDO T . -15.57 -12.32 24.82
O2 EDO T . -15.85 -11.82 26.12
C1 EDO U . -8.77 -9.40 -8.89
O1 EDO U . -10.06 -8.88 -8.60
C2 EDO U . -8.62 -9.67 -10.39
O2 EDO U . -8.95 -8.48 -11.11
C1 EDO V . -1.62 -14.84 14.16
O1 EDO V . -0.93 -13.87 14.97
C2 EDO V . -2.65 -14.13 13.29
O2 EDO V . -3.51 -13.34 14.10
C1 EDO W . -18.94 27.95 7.41
O1 EDO W . -17.57 27.83 7.05
C2 EDO W . -19.15 27.41 8.83
O2 EDO W . -20.54 27.45 9.14
C1 EDO X . -21.18 3.59 9.57
O1 EDO X . -19.77 3.46 9.80
C2 EDO X . -21.89 3.89 10.88
O2 EDO X . -21.54 2.92 11.87
C1 EDO Y . -17.06 8.67 2.88
O1 EDO Y . -16.39 9.85 2.45
C2 EDO Y . -18.40 9.04 3.50
O2 EDO Y . -19.08 9.97 2.64
C1 EDO Z . 8.22 5.66 17.18
O1 EDO Z . 7.64 4.37 17.43
C2 EDO Z . 8.04 6.02 15.71
O2 EDO Z . 8.35 4.89 14.87
C1 EDO AA . -14.17 -7.01 -8.15
O1 EDO AA . -13.01 -6.53 -8.85
C2 EDO AA . -15.34 -7.18 -9.10
O2 EDO AA . -16.13 -5.98 -9.13
C1 EDO BA . -13.28 2.27 16.15
O1 EDO BA . -12.35 2.25 15.08
C2 EDO BA . -14.65 2.58 15.57
O2 EDO BA . -14.76 1.91 14.31
OBD DWX CA . 8.09 15.51 -3.77
OBD DWX CA . 8.10 15.53 -3.69
BBC DWX CA . 8.25 15.80 -2.33
BBC DWX CA . 8.27 15.80 -2.24
OBE DWX CA . 7.27 15.30 -1.32
OBE DWX CA . 7.28 15.31 -1.24
CAZ DWX CA . 9.83 16.42 -1.76
CAZ DWX CA . 9.85 16.43 -1.68
CBA DWX CA . 11.02 16.20 -2.52
CBA DWX CA . 11.04 16.25 -2.47
CAY DWX CA . 9.88 17.14 -0.55
CAY DWX CA . 9.91 17.13 -0.46
CAX DWX CA . 11.10 17.66 -0.08
CAX DWX CA . 11.13 17.68 -0.01
CAW DWX CA . 12.28 17.45 -0.85
CAW DWX CA . 12.31 17.50 -0.79
CBB DWX CA . 12.24 16.74 -2.06
CBB DWX CA . 12.26 16.79 -2.01
CAV DWX CA . 13.51 16.53 -2.82
CAV DWX CA . 13.51 16.61 -2.81
NAS DWX CA . 14.45 15.72 -2.04
NAS DWX CA . 14.47 15.79 -2.08
CAT DWX CA . 15.81 15.71 -2.56
CAT DWX CA . 15.80 15.75 -2.66
CAU DWX CA . 16.76 14.85 -1.78
CAU DWX CA . 16.79 14.93 -1.89
CAR DWX CA . 13.99 14.42 -1.65
CAR DWX CA . 14.02 14.49 -1.68
CAQ DWX CA . 14.96 13.64 -0.85
CAQ DWX CA . 15.02 13.68 -0.90
NAP DWX CA . 16.19 13.58 -1.53
NAP DWX CA . 16.24 13.65 -1.61
CAJ DWX CA . 16.89 12.41 -2.06
CAJ DWX CA . 16.96 12.49 -2.10
SAI DWX CA . 16.38 10.81 -2.01
SAI DWX CA . 16.43 10.90 -1.99
NAK DWX CA . 18.08 12.46 -2.73
NAK DWX CA . 18.15 12.51 -2.78
CAL DWX CA . 18.53 11.22 -3.17
CAL DWX CA . 18.59 11.25 -3.16
OAO DWX CA . 19.75 11.12 -3.87
OAO DWX CA . 19.80 11.09 -3.87
CAH DWX CA . 17.71 10.14 -2.87
CAH DWX CA . 17.77 10.18 -2.82
CAG DWX CA . 18.06 8.76 -3.24
CAG DWX CA . 18.10 8.79 -3.11
CAF DWX CA . 17.23 7.57 -2.88
CAF DWX CA . 17.14 7.68 -2.80
CAA DWX CA . 16.65 7.40 -1.62
CAA DWX CA . 16.94 6.73 -3.79
CAB DWX CA . 15.90 6.23 -1.35
CAB DWX CA . 16.08 5.65 -3.58
CLN DWX CA . 15.16 6.02 0.20
CLN DWX CA . 15.86 4.48 -4.83
CAC DWX CA . 15.75 5.23 -2.33
CAC DWX CA . 15.42 5.51 -2.36
CLM DWX CA . 14.84 3.80 -1.98
CLM DWX CA . 14.35 4.15 -2.12
CAD DWX CA . 16.34 5.39 -3.58
CAD DWX CA . 15.60 6.45 -1.34
CAE DWX CA . 17.09 6.55 -3.86
CAE DWX CA . 16.47 7.54 -1.55
#